data_8RHV
#
_entry.id   8RHV
#
_cell.length_a   74.523
_cell.length_b   89.451
_cell.length_c   82.632
_cell.angle_alpha   90.00
_cell.angle_beta   115.26
_cell.angle_gamma   90.00
#
_symmetry.space_group_name_H-M   'P 1 21 1'
#
loop_
_entity.id
_entity.type
_entity.pdbx_description
1 polymer 'Pteridine reductase'
2 non-polymer 'NADPH DIHYDRO-NICOTINAMIDE-ADENINE-DINUCLEOTIDE PHOSPHATE'
3 non-polymer 'ACETATE ION'
4 non-polymer 7-methoxy-4,4-dimethyl-10~{H}-[1,3,5]triazino[1,2-a]benzimidazol-2-amine
5 water water
#
_entity_poly.entity_id   1
_entity_poly.type   'polypeptide(L)'
_entity_poly.pdbx_seq_one_letter_code
;MGSSHHHHHHSSGLVPRGSHMMEAPAAVVTGAAKRIGRAIAVKLHQTGYRVVIHYHNSAEAAVSLADELNKERSNTAVVC
QADLTNSNVLPASCEEIINSCFRAFGRCDVLVNNASAFYPTPLVQGDHEDNSNGKTVETQVAELIGTNAIAPFLLTMSFA
QRQKGTNPNCTSSNLSIVNLCDAMVDQPCMAFSLYNMGKHALVGLTQSAALELAPYGIRVNGVAPGVSLLPVAMGEEEKD
KWRRKVPLGRREASAEQIADAVIFLVSGSAQYITGSIIKVDGGLSLVHA
;
_entity_poly.pdbx_strand_id   A,B,C,D
#
loop_
_chem_comp.id
_chem_comp.type
_chem_comp.name
_chem_comp.formula
A1H0U non-polymer 7-methoxy-4,4-dimethyl-10~{H}-[1,3,5]triazino[1,2-a]benzimidazol-2-amine 'C12 H15 N5 O'
ACT non-polymer 'ACETATE ION' 'C2 H3 O2 -1'
NDP non-polymer 'NADPH DIHYDRO-NICOTINAMIDE-ADENINE-DINUCLEOTIDE PHOSPHATE' 'C21 H30 N7 O17 P3'
#
# COMPACT_ATOMS: atom_id res chain seq x y z
N GLU A 23 -3.12 35.75 -20.78
CA GLU A 23 -4.36 35.04 -21.19
C GLU A 23 -4.75 33.99 -20.13
N ALA A 24 -5.90 33.36 -20.38
CA ALA A 24 -6.39 32.28 -19.55
C ALA A 24 -5.67 30.98 -19.90
N PRO A 25 -5.42 30.09 -18.92
CA PRO A 25 -4.90 28.76 -19.21
C PRO A 25 -5.93 27.89 -19.92
N ALA A 26 -5.46 26.77 -20.50
CA ALA A 26 -6.31 25.83 -21.21
C ALA A 26 -6.09 24.40 -20.70
N ALA A 27 -7.18 23.60 -20.70
CA ALA A 27 -7.13 22.21 -20.27
C ALA A 27 -7.71 21.31 -21.33
N VAL A 28 -7.18 20.08 -21.43
CA VAL A 28 -7.86 19.03 -22.18
C VAL A 28 -8.49 18.08 -21.17
N VAL A 29 -9.78 17.75 -21.35
CA VAL A 29 -10.47 16.76 -20.54
C VAL A 29 -10.98 15.67 -21.48
N THR A 30 -10.55 14.42 -21.29
CA THR A 30 -10.94 13.30 -22.13
C THR A 30 -12.28 12.76 -21.64
N GLY A 31 -13.11 12.28 -22.57
CA GLY A 31 -14.45 11.80 -22.25
C GLY A 31 -15.26 12.84 -21.46
N ALA A 32 -15.28 14.09 -21.94
CA ALA A 32 -15.85 15.19 -21.15
C ALA A 32 -17.29 15.52 -21.55
N ALA A 33 -17.95 14.69 -22.37
CA ALA A 33 -19.28 15.12 -22.82
C ALA A 33 -20.32 15.02 -21.70
N LYS A 34 -20.11 14.09 -20.76
CA LYS A 34 -21.14 13.77 -19.78
C LYS A 34 -20.50 13.44 -18.43
N ARG A 35 -21.34 13.29 -17.41
CA ARG A 35 -20.97 12.63 -16.16
C ARG A 35 -19.74 13.31 -15.58
N ILE A 36 -18.72 12.55 -15.10
CA ILE A 36 -17.68 13.19 -14.30
C ILE A 36 -16.82 14.09 -15.18
N GLY A 37 -16.60 13.66 -16.41
CA GLY A 37 -15.75 14.47 -17.29
C GLY A 37 -16.35 15.85 -17.57
N ARG A 38 -17.67 15.91 -17.78
CA ARG A 38 -18.33 17.21 -17.95
C ARG A 38 -18.20 18.07 -16.70
N ALA A 39 -18.37 17.43 -15.52
CA ALA A 39 -18.29 18.16 -14.28
C ALA A 39 -16.89 18.77 -14.12
N ILE A 40 -15.85 18.03 -14.51
CA ILE A 40 -14.50 18.57 -14.46
C ILE A 40 -14.35 19.74 -15.45
N ALA A 41 -14.82 19.56 -16.68
CA ALA A 41 -14.63 20.60 -17.70
C ALA A 41 -15.39 21.85 -17.25
N VAL A 42 -16.61 21.65 -16.75
CA VAL A 42 -17.40 22.77 -16.26
C VAL A 42 -16.68 23.52 -15.13
N LYS A 43 -16.14 22.79 -14.14
CA LYS A 43 -15.53 23.44 -13.00
C LYS A 43 -14.21 24.12 -13.43
N LEU A 44 -13.47 23.49 -14.33
CA LEU A 44 -12.26 24.14 -14.84
C LEU A 44 -12.66 25.45 -15.54
N HIS A 45 -13.74 25.38 -16.32
CA HIS A 45 -14.19 26.55 -17.06
C HIS A 45 -14.62 27.68 -16.11
N GLN A 46 -15.36 27.33 -15.05
CA GLN A 46 -15.78 28.30 -14.06
C GLN A 46 -14.60 28.94 -13.33
N THR A 47 -13.47 28.23 -13.24
CA THR A 47 -12.27 28.71 -12.57
C THR A 47 -11.50 29.63 -13.51
N GLY A 48 -11.89 29.65 -14.79
CA GLY A 48 -11.26 30.55 -15.74
C GLY A 48 -10.45 29.85 -16.83
N TYR A 49 -10.53 28.51 -16.93
CA TYR A 49 -9.78 27.79 -17.95
C TYR A 49 -10.57 27.80 -19.26
N ARG A 50 -9.83 27.80 -20.38
CA ARG A 50 -10.36 27.36 -21.67
C ARG A 50 -10.27 25.84 -21.77
N VAL A 51 -11.25 25.21 -22.43
CA VAL A 51 -11.30 23.76 -22.39
C VAL A 51 -11.47 23.11 -23.76
N VAL A 52 -10.75 22.00 -23.96
CA VAL A 52 -11.03 21.07 -25.03
C VAL A 52 -11.87 19.95 -24.44
N ILE A 53 -13.06 19.76 -25.01
CA ILE A 53 -13.94 18.67 -24.68
C ILE A 53 -13.72 17.51 -25.64
N HIS A 54 -12.91 16.53 -25.21
CA HIS A 54 -12.76 15.30 -26.00
C HIS A 54 -14.00 14.45 -25.80
N TYR A 55 -14.40 13.77 -26.87
CA TYR A 55 -15.48 12.78 -26.83
C TYR A 55 -15.21 11.71 -27.88
N HIS A 56 -15.94 10.61 -27.77
CA HIS A 56 -15.84 9.51 -28.73
C HIS A 56 -17.16 9.35 -29.48
N ASN A 57 -18.21 8.84 -28.81
CA ASN A 57 -19.49 8.68 -29.46
C ASN A 57 -20.48 9.81 -29.17
N SER A 58 -20.26 10.57 -28.09
CA SER A 58 -21.29 11.47 -27.57
C SER A 58 -21.18 12.86 -28.19
N ALA A 59 -21.41 12.92 -29.51
CA ALA A 59 -21.17 14.14 -30.28
C ALA A 59 -22.17 15.23 -29.88
N GLU A 60 -23.45 14.83 -29.77
CA GLU A 60 -24.48 15.81 -29.45
C GLU A 60 -24.21 16.44 -28.08
N ALA A 61 -23.87 15.61 -27.09
CA ALA A 61 -23.72 16.10 -25.72
C ALA A 61 -22.48 16.99 -25.62
N ALA A 62 -21.40 16.61 -26.33
CA ALA A 62 -20.17 17.41 -26.35
C ALA A 62 -20.42 18.80 -26.91
N VAL A 63 -21.15 18.88 -28.04
CA VAL A 63 -21.34 20.16 -28.71
C VAL A 63 -22.23 21.04 -27.85
N SER A 64 -23.26 20.43 -27.26
CA SER A 64 -24.16 21.09 -26.33
C SER A 64 -23.39 21.74 -25.17
N LEU A 65 -22.43 21.00 -24.59
CA LEU A 65 -21.62 21.52 -23.51
C LEU A 65 -20.77 22.70 -24.00
N ALA A 66 -20.07 22.52 -25.13
CA ALA A 66 -19.23 23.60 -25.62
C ALA A 66 -20.09 24.83 -25.93
N ASP A 67 -21.32 24.60 -26.42
CA ASP A 67 -22.25 25.70 -26.67
C ASP A 67 -22.54 26.45 -25.37
N GLU A 68 -22.89 25.72 -24.29
CA GLU A 68 -23.14 26.35 -23.00
C GLU A 68 -21.93 27.14 -22.53
N LEU A 69 -20.72 26.56 -22.67
CA LEU A 69 -19.55 27.24 -22.13
C LEU A 69 -19.19 28.48 -22.95
N ASN A 70 -19.31 28.38 -24.29
CA ASN A 70 -19.02 29.51 -25.18
C ASN A 70 -20.01 30.66 -24.96
N LYS A 71 -21.23 30.32 -24.55
CA LYS A 71 -22.30 31.27 -24.31
C LYS A 71 -22.00 32.02 -23.02
N GLU A 72 -21.21 31.39 -22.15
CA GLU A 72 -20.75 31.97 -20.92
C GLU A 72 -19.56 32.91 -21.24
N ARG A 73 -18.62 32.44 -22.08
CA ARG A 73 -17.47 33.24 -22.47
C ARG A 73 -17.07 32.81 -23.87
N SER A 74 -17.03 33.75 -24.83
CA SER A 74 -16.97 33.23 -26.19
C SER A 74 -15.55 32.77 -26.48
N ASN A 75 -15.41 31.77 -27.36
CA ASN A 75 -14.12 31.22 -27.75
C ASN A 75 -13.38 30.66 -26.52
N THR A 76 -14.09 29.98 -25.62
CA THR A 76 -13.36 29.36 -24.51
C THR A 76 -13.50 27.82 -24.54
N ALA A 77 -14.37 27.27 -25.39
CA ALA A 77 -14.54 25.82 -25.44
C ALA A 77 -14.55 25.31 -26.87
N VAL A 78 -13.87 24.19 -27.11
CA VAL A 78 -13.93 23.45 -28.37
C VAL A 78 -14.13 21.96 -28.08
N VAL A 79 -14.59 21.22 -29.09
CA VAL A 79 -14.74 19.77 -29.01
C VAL A 79 -13.65 19.10 -29.84
N CYS A 80 -13.36 17.81 -29.58
CA CYS A 80 -12.33 17.07 -30.27
C CYS A 80 -12.66 15.58 -30.20
N GLN A 81 -12.99 14.98 -31.36
CA GLN A 81 -13.40 13.58 -31.39
C GLN A 81 -12.17 12.69 -31.51
N ALA A 82 -12.15 11.59 -30.74
CA ALA A 82 -11.14 10.56 -30.94
C ALA A 82 -11.55 9.26 -30.29
N ASP A 83 -11.22 8.14 -30.93
CA ASP A 83 -11.30 6.83 -30.30
C ASP A 83 -10.01 6.62 -29.52
N LEU A 84 -10.12 6.19 -28.25
CA LEU A 84 -8.93 6.00 -27.41
C LEU A 84 -8.61 4.53 -27.22
N THR A 85 -9.27 3.66 -28.01
CA THR A 85 -8.93 2.25 -28.10
C THR A 85 -7.46 2.13 -28.55
N ASN A 86 -6.71 1.18 -27.99
CA ASN A 86 -5.34 1.00 -28.46
C ASN A 86 -5.34 0.55 -29.93
N SER A 87 -4.35 1.03 -30.69
CA SER A 87 -4.03 0.58 -32.04
C SER A 87 -2.78 1.33 -32.50
N ASN A 88 -2.32 1.02 -33.72
CA ASN A 88 -1.12 1.65 -34.24
C ASN A 88 -1.34 3.14 -34.48
N VAL A 89 -2.59 3.60 -34.56
CA VAL A 89 -2.78 5.02 -34.75
C VAL A 89 -3.13 5.75 -33.45
N LEU A 90 -3.24 5.00 -32.36
CA LEU A 90 -3.55 5.72 -31.13
C LEU A 90 -2.51 6.82 -30.87
N PRO A 91 -1.18 6.63 -31.06
CA PRO A 91 -0.27 7.74 -30.82
C PRO A 91 -0.61 9.02 -31.59
N ALA A 92 -1.01 8.87 -32.86
CA ALA A 92 -1.40 10.03 -33.65
C ALA A 92 -2.66 10.69 -33.10
N SER A 93 -3.68 9.90 -32.73
CA SER A 93 -4.90 10.43 -32.19
C SER A 93 -4.60 11.22 -30.91
N CYS A 94 -3.72 10.69 -30.05
CA CYS A 94 -3.37 11.39 -28.83
C CYS A 94 -2.62 12.70 -29.12
N GLU A 95 -1.64 12.64 -30.03
CA GLU A 95 -0.96 13.85 -30.44
C GLU A 95 -1.95 14.91 -30.92
N GLU A 96 -2.98 14.48 -31.66
CA GLU A 96 -3.92 15.40 -32.29
C GLU A 96 -4.81 16.05 -31.23
N ILE A 97 -5.21 15.27 -30.20
CA ILE A 97 -5.94 15.85 -29.07
C ILE A 97 -5.15 17.03 -28.48
N ILE A 98 -3.88 16.77 -28.16
CA ILE A 98 -3.10 17.85 -27.59
C ILE A 98 -2.97 18.99 -28.63
N ASN A 99 -2.77 18.65 -29.90
CA ASN A 99 -2.61 19.69 -30.93
C ASN A 99 -3.83 20.59 -31.01
N SER A 100 -5.01 20.02 -30.77
CA SER A 100 -6.28 20.71 -30.86
C SER A 100 -6.36 21.83 -29.83
N CYS A 101 -5.73 21.60 -28.66
CA CYS A 101 -5.72 22.57 -27.60
C CYS A 101 -4.80 23.73 -28.02
N PHE A 102 -3.62 23.39 -28.56
CA PHE A 102 -2.69 24.41 -28.99
C PHE A 102 -3.26 25.20 -30.18
N ARG A 103 -3.96 24.50 -31.09
CA ARG A 103 -4.56 25.13 -32.26
C ARG A 103 -5.64 26.11 -31.80
N ALA A 104 -6.48 25.70 -30.83
CA ALA A 104 -7.56 26.57 -30.43
C ALA A 104 -7.08 27.70 -29.53
N PHE A 105 -6.14 27.44 -28.62
CA PHE A 105 -5.92 28.35 -27.51
C PHE A 105 -4.47 28.77 -27.36
N GLY A 106 -3.56 28.13 -28.09
CA GLY A 106 -2.19 28.59 -28.11
C GLY A 106 -1.38 28.11 -26.91
N ARG A 107 -1.96 27.21 -26.11
CA ARG A 107 -1.22 26.64 -24.99
C ARG A 107 -2.00 25.44 -24.44
N CYS A 108 -1.37 24.63 -23.58
CA CYS A 108 -2.06 23.53 -22.93
C CYS A 108 -1.46 23.35 -21.54
N ASP A 109 -2.23 23.69 -20.50
CA ASP A 109 -1.67 23.79 -19.16
C ASP A 109 -2.01 22.57 -18.31
N VAL A 110 -3.19 21.96 -18.60
CA VAL A 110 -3.74 20.85 -17.83
C VAL A 110 -4.27 19.75 -18.76
N LEU A 111 -3.98 18.48 -18.41
CA LEU A 111 -4.52 17.32 -19.08
C LEU A 111 -5.24 16.52 -17.99
N VAL A 112 -6.54 16.25 -18.19
CA VAL A 112 -7.29 15.37 -17.30
C VAL A 112 -7.62 14.07 -18.06
N ASN A 113 -7.00 12.94 -17.63
CA ASN A 113 -7.24 11.64 -18.24
C ASN A 113 -8.47 11.00 -17.56
N ASN A 114 -9.67 11.24 -18.13
CA ASN A 114 -10.97 10.86 -17.55
C ASN A 114 -11.64 9.72 -18.33
N ALA A 115 -11.48 9.68 -19.69
CA ALA A 115 -12.18 8.72 -20.55
C ALA A 115 -11.89 7.29 -20.09
N SER A 116 -12.88 6.39 -20.11
CA SER A 116 -12.65 5.06 -19.58
C SER A 116 -13.68 4.09 -20.17
N ALA A 117 -13.22 2.93 -20.69
CA ALA A 117 -14.11 1.80 -20.96
C ALA A 117 -14.24 0.97 -19.69
N PHE A 118 -15.43 0.41 -19.44
CA PHE A 118 -15.63 -0.39 -18.25
C PHE A 118 -16.64 -1.48 -18.56
N TYR A 119 -16.25 -2.75 -18.47
CA TYR A 119 -17.16 -3.88 -18.62
C TYR A 119 -16.43 -5.14 -18.19
N PRO A 120 -17.20 -6.20 -17.82
CA PRO A 120 -16.62 -7.50 -17.45
C PRO A 120 -15.82 -8.21 -18.54
N THR A 121 -14.75 -8.88 -18.11
CA THR A 121 -13.96 -9.76 -18.96
C THR A 121 -13.67 -11.04 -18.18
N PRO A 122 -14.66 -11.95 -18.00
CA PRO A 122 -14.46 -13.13 -17.16
C PRO A 122 -13.29 -14.00 -17.62
N LEU A 123 -12.56 -14.59 -16.67
CA LEU A 123 -11.41 -15.44 -17.00
C LEU A 123 -11.84 -16.83 -17.45
N VAL A 124 -12.89 -17.38 -16.83
CA VAL A 124 -13.49 -18.64 -17.21
C VAL A 124 -14.82 -18.30 -17.87
N GLN A 125 -14.99 -18.75 -19.12
CA GLN A 125 -16.04 -18.26 -19.99
C GLN A 125 -16.69 -19.44 -20.74
N GLY A 134 -20.44 -10.83 -29.24
CA GLY A 134 -19.70 -9.86 -28.40
C GLY A 134 -18.34 -9.53 -29.02
N LYS A 135 -17.42 -9.08 -28.17
CA LYS A 135 -16.09 -8.67 -28.61
C LYS A 135 -15.10 -9.83 -28.46
N THR A 136 -14.13 -9.88 -29.38
CA THR A 136 -12.97 -10.74 -29.28
C THR A 136 -12.12 -10.23 -28.10
N VAL A 137 -11.36 -11.13 -27.51
CA VAL A 137 -10.53 -10.81 -26.35
C VAL A 137 -9.57 -9.70 -26.78
N GLU A 138 -9.10 -9.74 -28.03
CA GLU A 138 -8.13 -8.78 -28.54
C GLU A 138 -8.75 -7.39 -28.53
N THR A 139 -10.07 -7.30 -28.80
CA THR A 139 -10.78 -6.02 -28.77
C THR A 139 -10.93 -5.53 -27.31
N GLN A 140 -11.30 -6.44 -26.40
CA GLN A 140 -11.41 -6.11 -24.98
C GLN A 140 -10.09 -5.51 -24.48
N VAL A 141 -8.98 -6.18 -24.79
CA VAL A 141 -7.69 -5.68 -24.35
C VAL A 141 -7.48 -4.27 -24.91
N ALA A 142 -7.70 -4.08 -26.22
CA ALA A 142 -7.52 -2.81 -26.87
C ALA A 142 -8.31 -1.68 -26.19
N GLU A 143 -9.58 -1.93 -25.86
CA GLU A 143 -10.46 -0.90 -25.34
C GLU A 143 -10.16 -0.63 -23.86
N LEU A 144 -10.08 -1.69 -23.06
CA LEU A 144 -9.96 -1.54 -21.61
C LEU A 144 -8.56 -1.06 -21.25
N ILE A 145 -7.51 -1.64 -21.87
CA ILE A 145 -6.14 -1.22 -21.57
C ILE A 145 -5.84 0.07 -22.33
N GLY A 146 -6.35 0.18 -23.57
CA GLY A 146 -6.13 1.42 -24.31
C GLY A 146 -6.74 2.66 -23.66
N THR A 147 -8.03 2.63 -23.29
CA THR A 147 -8.61 3.86 -22.77
C THR A 147 -8.05 4.15 -21.38
N ASN A 148 -7.85 3.11 -20.55
CA ASN A 148 -7.56 3.33 -19.13
C ASN A 148 -6.08 3.58 -18.87
N ALA A 149 -5.21 3.18 -19.82
CA ALA A 149 -3.79 3.26 -19.50
C ALA A 149 -2.95 3.74 -20.70
N ILE A 150 -3.13 3.13 -21.87
CA ILE A 150 -2.22 3.40 -22.97
C ILE A 150 -2.48 4.84 -23.46
N ALA A 151 -3.75 5.17 -23.68
CA ALA A 151 -4.05 6.54 -24.09
C ALA A 151 -3.56 7.58 -23.08
N PRO A 152 -3.80 7.42 -21.74
CA PRO A 152 -3.17 8.33 -20.79
C PRO A 152 -1.66 8.47 -20.98
N PHE A 153 -0.97 7.35 -21.25
CA PHE A 153 0.50 7.39 -21.43
C PHE A 153 0.87 8.23 -22.66
N LEU A 154 0.16 7.97 -23.77
CA LEU A 154 0.51 8.63 -25.03
C LEU A 154 0.15 10.10 -24.94
N LEU A 155 -0.99 10.39 -24.30
CA LEU A 155 -1.39 11.78 -24.07
C LEU A 155 -0.41 12.51 -23.17
N THR A 156 0.15 11.79 -22.19
CA THR A 156 1.13 12.39 -21.29
C THR A 156 2.39 12.76 -22.09
N MET A 157 2.87 11.81 -22.90
CA MET A 157 4.01 11.99 -23.79
C MET A 157 3.80 13.23 -24.67
N SER A 158 2.65 13.29 -25.36
CA SER A 158 2.38 14.45 -26.21
C SER A 158 2.28 15.76 -25.42
N PHE A 159 1.67 15.74 -24.23
CA PHE A 159 1.48 16.97 -23.48
C PHE A 159 2.83 17.52 -23.07
N ALA A 160 3.73 16.61 -22.66
CA ALA A 160 5.03 17.04 -22.18
C ALA A 160 5.90 17.49 -23.37
N GLN A 161 5.77 16.77 -24.49
CA GLN A 161 6.65 17.08 -25.61
C GLN A 161 6.29 18.44 -26.21
N ARG A 162 5.01 18.79 -26.16
CA ARG A 162 4.49 20.00 -26.79
C ARG A 162 4.78 21.25 -25.98
N GLN A 163 5.38 21.13 -24.79
CA GLN A 163 5.52 22.28 -23.91
C GLN A 163 6.50 23.32 -24.48
N SER A 173 3.79 29.83 -14.34
CA SER A 173 2.74 28.89 -14.84
C SER A 173 2.56 27.68 -13.91
N ASN A 174 1.61 26.82 -14.26
CA ASN A 174 1.19 25.73 -13.37
C ASN A 174 0.69 24.57 -14.22
N LEU A 175 1.62 23.79 -14.77
CA LEU A 175 1.31 22.64 -15.60
C LEU A 175 1.02 21.42 -14.72
N SER A 176 -0.12 20.74 -14.96
CA SER A 176 -0.29 19.44 -14.32
C SER A 176 -1.21 18.52 -15.11
N ILE A 177 -1.14 17.23 -14.74
CA ILE A 177 -1.92 16.15 -15.30
C ILE A 177 -2.64 15.53 -14.11
N VAL A 178 -3.92 15.22 -14.33
CA VAL A 178 -4.71 14.54 -13.31
C VAL A 178 -5.34 13.31 -13.95
N ASN A 179 -5.02 12.12 -13.41
CA ASN A 179 -5.54 10.86 -13.91
C ASN A 179 -6.72 10.41 -13.06
N LEU A 180 -7.81 9.96 -13.69
CA LEU A 180 -8.93 9.43 -12.92
C LEU A 180 -8.72 7.93 -12.68
N CYS A 181 -8.46 7.63 -11.39
CA CYS A 181 -8.07 6.31 -10.95
C CYS A 181 -9.29 5.60 -10.36
N ASP A 182 -9.11 4.62 -9.45
CA ASP A 182 -10.27 3.94 -8.93
C ASP A 182 -9.91 3.49 -7.51
N ALA A 183 -10.63 3.98 -6.49
CA ALA A 183 -10.27 3.70 -5.10
C ALA A 183 -10.35 2.21 -4.77
N MET A 184 -11.05 1.44 -5.61
CA MET A 184 -11.35 0.07 -5.26
C MET A 184 -10.46 -0.93 -6.03
N VAL A 185 -9.33 -0.46 -6.59
CA VAL A 185 -8.48 -1.34 -7.39
C VAL A 185 -7.89 -2.50 -6.60
N ASP A 186 -7.75 -2.37 -5.28
CA ASP A 186 -7.25 -3.51 -4.51
C ASP A 186 -8.34 -4.42 -3.93
N GLN A 187 -9.60 -4.07 -4.16
CA GLN A 187 -10.73 -4.89 -3.75
C GLN A 187 -11.70 -4.92 -4.93
N PRO A 188 -11.28 -5.51 -6.05
CA PRO A 188 -11.96 -5.27 -7.33
C PRO A 188 -13.28 -6.04 -7.46
N CYS A 189 -14.11 -5.64 -8.42
CA CYS A 189 -15.30 -6.41 -8.75
C CYS A 189 -14.87 -7.70 -9.43
N MET A 190 -15.61 -8.75 -9.11
CA MET A 190 -15.44 -10.06 -9.70
C MET A 190 -15.58 -9.93 -11.23
N ALA A 191 -14.66 -10.56 -11.98
CA ALA A 191 -14.70 -10.72 -13.42
C ALA A 191 -14.31 -9.45 -14.18
N PHE A 192 -13.61 -8.52 -13.50
CA PHE A 192 -13.19 -7.29 -14.18
C PHE A 192 -11.67 -7.18 -14.30
N SER A 193 -10.98 -8.29 -14.59
CA SER A 193 -9.51 -8.36 -14.66
C SER A 193 -8.89 -7.25 -15.53
N LEU A 194 -9.39 -7.12 -16.77
CA LEU A 194 -8.77 -6.20 -17.73
C LEU A 194 -8.99 -4.75 -17.32
N TYR A 195 -10.20 -4.40 -16.90
CA TYR A 195 -10.40 -3.06 -16.37
C TYR A 195 -9.46 -2.82 -15.16
N ASN A 196 -9.37 -3.79 -14.22
CA ASN A 196 -8.54 -3.61 -13.03
CA ASN A 196 -8.55 -3.52 -13.05
C ASN A 196 -7.08 -3.43 -13.44
N MET A 197 -6.67 -4.22 -14.44
CA MET A 197 -5.30 -4.15 -14.92
C MET A 197 -5.00 -2.76 -15.42
N GLY A 198 -5.94 -2.19 -16.19
CA GLY A 198 -5.73 -0.87 -16.75
C GLY A 198 -5.64 0.21 -15.67
N LYS A 199 -6.54 0.16 -14.68
CA LYS A 199 -6.47 1.17 -13.63
C LYS A 199 -5.20 1.01 -12.78
N HIS A 200 -4.70 -0.21 -12.58
CA HIS A 200 -3.41 -0.37 -11.88
C HIS A 200 -2.28 0.19 -12.72
N ALA A 201 -2.34 -0.04 -14.04
CA ALA A 201 -1.30 0.57 -14.89
C ALA A 201 -1.34 2.08 -14.81
N LEU A 202 -2.55 2.65 -14.70
CA LEU A 202 -2.69 4.09 -14.58
C LEU A 202 -2.06 4.62 -13.27
N VAL A 203 -2.16 3.86 -12.16
CA VAL A 203 -1.40 4.26 -10.96
C VAL A 203 0.09 4.29 -11.28
N GLY A 204 0.55 3.24 -11.96
CA GLY A 204 1.97 3.17 -12.29
C GLY A 204 2.38 4.38 -13.11
N LEU A 205 1.54 4.72 -14.12
CA LEU A 205 1.80 5.90 -14.94
C LEU A 205 1.87 7.14 -14.08
N THR A 206 0.89 7.33 -13.17
CA THR A 206 0.88 8.53 -12.36
C THR A 206 2.22 8.65 -11.62
N GLN A 207 2.75 7.54 -11.07
CA GLN A 207 3.97 7.59 -10.27
C GLN A 207 5.18 7.85 -11.14
N SER A 208 5.27 7.06 -12.22
CA SER A 208 6.41 7.13 -13.15
C SER A 208 6.45 8.49 -13.81
N ALA A 209 5.28 8.99 -14.23
CA ALA A 209 5.28 10.29 -14.89
C ALA A 209 5.58 11.41 -13.89
N ALA A 210 5.08 11.30 -12.63
CA ALA A 210 5.36 12.36 -11.67
C ALA A 210 6.88 12.49 -11.50
N LEU A 211 7.56 11.36 -11.37
CA LEU A 211 9.01 11.31 -11.18
C LEU A 211 9.74 11.94 -12.35
N GLU A 212 9.37 11.51 -13.56
CA GLU A 212 10.15 11.86 -14.74
C GLU A 212 9.84 13.29 -15.18
N LEU A 213 8.60 13.76 -14.98
CA LEU A 213 8.24 15.12 -15.40
C LEU A 213 8.48 16.20 -14.35
N ALA A 214 8.79 15.82 -13.10
CA ALA A 214 9.00 16.82 -12.04
C ALA A 214 10.07 17.84 -12.45
N PRO A 215 11.22 17.42 -13.00
CA PRO A 215 12.23 18.38 -13.48
C PRO A 215 11.70 19.41 -14.49
N TYR A 216 10.57 19.11 -15.16
CA TYR A 216 10.00 20.07 -16.10
C TYR A 216 8.94 20.93 -15.43
N GLY A 217 8.66 20.69 -14.14
CA GLY A 217 7.67 21.48 -13.44
C GLY A 217 6.26 20.98 -13.77
N ILE A 218 6.18 19.78 -14.37
CA ILE A 218 4.86 19.20 -14.60
C ILE A 218 4.51 18.26 -13.44
N ARG A 219 3.40 18.56 -12.76
CA ARG A 219 2.92 17.71 -11.65
C ARG A 219 1.95 16.68 -12.21
N VAL A 220 1.98 15.45 -11.66
CA VAL A 220 1.12 14.37 -12.14
C VAL A 220 0.50 13.75 -10.87
N ASN A 221 -0.83 13.80 -10.77
CA ASN A 221 -1.55 13.27 -9.61
C ASN A 221 -2.77 12.50 -10.11
N GLY A 222 -3.48 11.84 -9.17
CA GLY A 222 -4.70 11.10 -9.50
C GLY A 222 -5.79 11.41 -8.50
N VAL A 223 -7.03 11.17 -8.96
CA VAL A 223 -8.23 11.25 -8.16
C VAL A 223 -8.89 9.91 -8.29
N ALA A 224 -9.22 9.30 -7.14
CA ALA A 224 -9.69 7.92 -7.16
C ALA A 224 -11.10 7.89 -6.57
N PRO A 225 -12.19 7.92 -7.41
CA PRO A 225 -13.55 7.72 -6.87
C PRO A 225 -13.68 6.31 -6.35
N GLY A 226 -14.66 6.13 -5.45
CA GLY A 226 -15.15 4.80 -5.14
C GLY A 226 -16.41 4.53 -5.94
N VAL A 227 -17.55 4.89 -5.36
CA VAL A 227 -18.77 4.93 -6.15
C VAL A 227 -19.15 6.39 -6.30
N SER A 228 -19.30 6.81 -7.55
CA SER A 228 -19.77 8.14 -7.86
C SER A 228 -21.00 7.89 -8.72
N LEU A 229 -21.18 8.67 -9.79
CA LEU A 229 -22.36 8.45 -10.64
C LEU A 229 -22.38 7.00 -11.09
N LEU A 230 -23.49 6.33 -10.78
CA LEU A 230 -23.69 4.96 -11.19
C LEU A 230 -24.02 4.94 -12.68
N PRO A 231 -23.77 3.80 -13.34
CA PRO A 231 -23.97 3.67 -14.78
C PRO A 231 -25.43 3.98 -15.10
N VAL A 232 -25.63 4.64 -16.25
CA VAL A 232 -26.97 4.98 -16.73
C VAL A 232 -27.84 3.72 -16.80
N ALA A 233 -27.22 2.55 -17.07
CA ALA A 233 -27.93 1.29 -17.30
C ALA A 233 -28.32 0.58 -16.00
N MET A 234 -27.71 0.93 -14.87
CA MET A 234 -27.94 0.18 -13.63
C MET A 234 -29.34 0.48 -13.08
N GLY A 235 -30.06 -0.55 -12.58
CA GLY A 235 -31.36 -0.37 -11.93
C GLY A 235 -31.19 0.28 -10.55
N GLU A 236 -32.24 0.96 -10.07
CA GLU A 236 -32.19 1.66 -8.79
C GLU A 236 -31.86 0.71 -7.65
N GLU A 237 -32.38 -0.52 -7.71
CA GLU A 237 -32.17 -1.48 -6.64
C GLU A 237 -30.68 -1.75 -6.46
N GLU A 238 -29.99 -1.94 -7.58
CA GLU A 238 -28.58 -2.30 -7.59
C GLU A 238 -27.78 -1.05 -7.19
N LYS A 239 -28.16 0.13 -7.69
CA LYS A 239 -27.59 1.38 -7.21
C LYS A 239 -27.69 1.51 -5.68
N ASP A 240 -28.84 1.16 -5.07
CA ASP A 240 -28.96 1.31 -3.63
C ASP A 240 -28.10 0.31 -2.85
N LYS A 241 -27.88 -0.87 -3.43
CA LYS A 241 -26.96 -1.84 -2.85
C LYS A 241 -25.59 -1.19 -2.73
N TRP A 242 -25.11 -0.55 -3.81
CA TRP A 242 -23.82 0.15 -3.70
C TRP A 242 -23.86 1.31 -2.69
N ARG A 243 -24.88 2.18 -2.80
CA ARG A 243 -25.00 3.29 -1.87
C ARG A 243 -24.87 2.86 -0.40
N ARG A 244 -25.54 1.77 -0.02
CA ARG A 244 -25.63 1.34 1.36
C ARG A 244 -24.28 0.92 1.94
N LYS A 245 -23.27 0.67 1.08
CA LYS A 245 -21.94 0.25 1.52
C LYS A 245 -21.10 1.47 1.94
N VAL A 246 -21.46 2.68 1.52
CA VAL A 246 -20.61 3.86 1.78
C VAL A 246 -20.78 4.37 3.21
N PRO A 247 -19.72 4.35 4.07
CA PRO A 247 -19.81 4.86 5.43
C PRO A 247 -20.30 6.30 5.57
N LEU A 248 -19.78 7.19 4.71
CA LEU A 248 -20.03 8.62 4.89
C LEU A 248 -21.29 8.96 4.10
N GLY A 249 -22.46 8.69 4.70
CA GLY A 249 -23.67 9.22 4.13
C GLY A 249 -24.50 8.18 3.39
N ARG A 250 -23.94 6.97 3.17
CA ARG A 250 -24.64 5.93 2.42
C ARG A 250 -25.15 6.46 1.08
N ARG A 251 -24.26 7.17 0.38
CA ARG A 251 -24.61 7.68 -0.93
C ARG A 251 -23.35 7.76 -1.78
N GLU A 252 -23.56 7.79 -3.12
CA GLU A 252 -22.46 7.91 -4.06
C GLU A 252 -21.97 9.35 -4.06
N ALA A 253 -20.71 9.56 -4.51
CA ALA A 253 -20.20 10.90 -4.71
C ALA A 253 -20.91 11.55 -5.91
N SER A 254 -21.17 12.86 -5.76
CA SER A 254 -21.65 13.64 -6.88
C SER A 254 -20.48 13.86 -7.83
N ALA A 255 -20.82 14.13 -9.10
CA ALA A 255 -19.78 14.42 -10.07
C ALA A 255 -19.02 15.66 -9.62
N GLU A 256 -19.73 16.59 -8.97
CA GLU A 256 -19.07 17.81 -8.54
C GLU A 256 -18.00 17.53 -7.48
N GLN A 257 -18.30 16.62 -6.56
CA GLN A 257 -17.37 16.25 -5.49
C GLN A 257 -16.07 15.66 -6.08
N ILE A 258 -16.19 14.85 -7.13
CA ILE A 258 -15.00 14.33 -7.84
C ILE A 258 -14.24 15.49 -8.47
N ALA A 259 -14.98 16.39 -9.17
CA ALA A 259 -14.35 17.55 -9.78
C ALA A 259 -13.64 18.44 -8.76
N ASP A 260 -14.22 18.60 -7.56
CA ASP A 260 -13.61 19.44 -6.53
C ASP A 260 -12.16 18.99 -6.24
N ALA A 261 -11.91 17.69 -6.28
CA ALA A 261 -10.58 17.21 -5.92
C ALA A 261 -9.63 17.43 -7.10
N VAL A 262 -10.20 17.37 -8.31
CA VAL A 262 -9.41 17.63 -9.49
C VAL A 262 -8.97 19.10 -9.47
N ILE A 263 -9.94 19.99 -9.21
CA ILE A 263 -9.69 21.42 -9.12
C ILE A 263 -8.61 21.72 -8.09
N PHE A 264 -8.68 21.04 -6.94
CA PHE A 264 -7.65 21.21 -5.93
C PHE A 264 -6.26 20.87 -6.48
N LEU A 265 -6.11 19.68 -7.07
CA LEU A 265 -4.82 19.22 -7.58
C LEU A 265 -4.25 20.14 -8.67
N VAL A 266 -5.12 20.79 -9.44
CA VAL A 266 -4.53 21.64 -10.48
C VAL A 266 -4.20 23.03 -9.92
N SER A 267 -4.81 23.40 -8.79
CA SER A 267 -4.71 24.73 -8.20
C SER A 267 -3.32 25.00 -7.63
N GLY A 268 -3.04 26.28 -7.38
CA GLY A 268 -1.81 26.67 -6.69
C GLY A 268 -1.79 26.21 -5.22
N SER A 269 -2.91 25.69 -4.70
CA SER A 269 -2.94 25.12 -3.35
C SER A 269 -2.29 23.74 -3.31
N ALA A 270 -1.87 23.21 -4.49
CA ALA A 270 -1.27 21.88 -4.56
C ALA A 270 0.08 21.94 -5.25
N GLN A 271 0.72 23.12 -5.19
CA GLN A 271 1.96 23.32 -5.95
C GLN A 271 3.08 22.35 -5.56
N TYR A 272 3.03 21.74 -4.37
CA TYR A 272 4.12 20.83 -4.01
C TYR A 272 3.67 19.37 -4.12
N ILE A 273 2.42 19.17 -4.57
CA ILE A 273 1.90 17.80 -4.62
C ILE A 273 2.18 17.21 -6.00
N THR A 274 2.89 16.07 -6.04
CA THR A 274 3.03 15.31 -7.29
C THR A 274 3.19 13.83 -6.93
N GLY A 275 2.58 12.99 -7.78
CA GLY A 275 2.63 11.58 -7.49
C GLY A 275 1.61 11.13 -6.43
N SER A 276 0.59 11.94 -6.12
CA SER A 276 -0.35 11.63 -5.03
C SER A 276 -1.66 11.21 -5.66
N ILE A 277 -2.33 10.23 -5.08
CA ILE A 277 -3.65 9.89 -5.58
C ILE A 277 -4.61 10.07 -4.43
N ILE A 278 -5.56 10.98 -4.61
CA ILE A 278 -6.47 11.32 -3.53
C ILE A 278 -7.72 10.47 -3.73
N LYS A 279 -8.03 9.65 -2.72
CA LYS A 279 -9.27 8.89 -2.75
C LYS A 279 -10.39 9.86 -2.45
N VAL A 280 -11.50 9.71 -3.19
CA VAL A 280 -12.71 10.49 -2.89
C VAL A 280 -13.84 9.48 -2.85
N ASP A 281 -13.92 8.76 -1.72
CA ASP A 281 -14.70 7.53 -1.73
C ASP A 281 -15.62 7.38 -0.51
N GLY A 282 -15.72 8.41 0.31
CA GLY A 282 -16.60 8.41 1.49
C GLY A 282 -16.33 7.22 2.40
N GLY A 283 -15.08 6.74 2.39
CA GLY A 283 -14.64 5.61 3.21
C GLY A 283 -14.92 4.21 2.65
N LEU A 284 -15.47 4.08 1.44
CA LEU A 284 -15.83 2.78 0.86
C LEU A 284 -14.70 1.75 0.93
N SER A 285 -13.48 2.15 0.56
CA SER A 285 -12.37 1.22 0.48
C SER A 285 -11.93 0.71 1.86
N LEU A 286 -12.44 1.28 2.97
CA LEU A 286 -12.05 0.90 4.32
C LEU A 286 -12.99 -0.19 4.85
N VAL A 287 -14.04 -0.50 4.08
CA VAL A 287 -15.10 -1.38 4.56
C VAL A 287 -14.74 -2.83 4.21
N HIS A 288 -14.60 -3.70 5.23
CA HIS A 288 -14.35 -5.13 4.96
C HIS A 288 -15.57 -5.85 4.37
N ALA A 289 -15.35 -7.07 3.84
CA ALA A 289 -16.41 -7.83 3.18
C ALA A 289 -17.51 -8.19 4.19
N GLU B 23 -22.41 30.84 14.15
CA GLU B 23 -21.27 31.78 14.20
C GLU B 23 -20.06 31.16 13.50
N ALA B 24 -18.87 31.60 13.90
CA ALA B 24 -17.62 31.17 13.30
C ALA B 24 -17.25 29.77 13.79
N PRO B 25 -16.74 28.84 12.94
CA PRO B 25 -16.31 27.52 13.44
C PRO B 25 -15.06 27.65 14.31
N ALA B 26 -14.75 26.61 15.11
CA ALA B 26 -13.53 26.56 15.91
C ALA B 26 -12.72 25.28 15.65
N ALA B 27 -11.39 25.43 15.72
CA ALA B 27 -10.44 24.36 15.47
C ALA B 27 -9.43 24.29 16.61
N VAL B 28 -9.05 23.06 16.98
CA VAL B 28 -7.90 22.85 17.84
C VAL B 28 -6.74 22.41 16.94
N VAL B 29 -5.56 23.00 17.13
CA VAL B 29 -4.34 22.58 16.45
C VAL B 29 -3.30 22.23 17.50
N THR B 30 -2.79 20.95 17.52
CA THR B 30 -1.80 20.63 18.54
C THR B 30 -0.41 21.04 18.06
N GLY B 31 0.48 21.41 18.99
CA GLY B 31 1.83 21.80 18.61
C GLY B 31 1.82 23.01 17.66
N ALA B 32 0.99 24.03 17.96
CA ALA B 32 0.68 25.08 17.00
C ALA B 32 1.52 26.34 17.19
N ALA B 33 2.48 26.27 18.10
CA ALA B 33 3.26 27.47 18.43
C ALA B 33 4.21 27.86 17.32
N LYS B 34 4.73 26.86 16.60
CA LYS B 34 5.82 27.09 15.68
C LYS B 34 5.64 26.24 14.41
N ARG B 35 6.40 26.58 13.36
CA ARG B 35 6.57 25.75 12.16
C ARG B 35 5.23 25.38 11.55
N ILE B 36 5.03 24.08 11.27
CA ILE B 36 3.87 23.66 10.48
C ILE B 36 2.56 23.91 11.25
N GLY B 37 2.56 23.59 12.54
CA GLY B 37 1.33 23.78 13.32
C GLY B 37 0.94 25.26 13.34
N ARG B 38 1.94 26.13 13.46
CA ARG B 38 1.69 27.56 13.40
C ARG B 38 1.01 27.93 12.07
N ALA B 39 1.53 27.41 10.94
CA ALA B 39 1.05 27.80 9.62
C ALA B 39 -0.38 27.31 9.47
N ILE B 40 -0.68 26.13 10.04
CA ILE B 40 -2.03 25.60 10.02
C ILE B 40 -3.01 26.48 10.82
N ALA B 41 -2.61 26.89 12.02
CA ALA B 41 -3.48 27.74 12.84
C ALA B 41 -3.75 29.06 12.11
N VAL B 42 -2.71 29.66 11.54
CA VAL B 42 -2.87 30.91 10.81
C VAL B 42 -3.83 30.78 9.65
N LYS B 43 -3.68 29.71 8.85
CA LYS B 43 -4.46 29.58 7.65
C LYS B 43 -5.89 29.27 8.04
N LEU B 44 -6.09 28.48 9.10
CA LEU B 44 -7.47 28.24 9.53
C LEU B 44 -8.12 29.58 9.95
N HIS B 45 -7.36 30.39 10.69
CA HIS B 45 -7.87 31.66 11.22
C HIS B 45 -8.23 32.58 10.04
N GLN B 46 -7.34 32.65 9.06
CA GLN B 46 -7.57 33.47 7.88
C GLN B 46 -8.80 32.99 7.12
N THR B 47 -9.12 31.69 7.23
CA THR B 47 -10.26 31.12 6.54
C THR B 47 -11.54 31.44 7.31
N GLY B 48 -11.41 31.86 8.56
CA GLY B 48 -12.54 32.29 9.37
C GLY B 48 -12.72 31.47 10.65
N TYR B 49 -11.76 30.59 10.97
CA TYR B 49 -11.87 29.77 12.17
C TYR B 49 -11.38 30.53 13.39
N ARG B 50 -12.06 30.27 14.53
CA ARG B 50 -11.48 30.57 15.83
C ARG B 50 -10.58 29.40 16.21
N VAL B 51 -9.48 29.67 16.94
CA VAL B 51 -8.46 28.62 17.04
C VAL B 51 -8.04 28.41 18.48
N VAL B 52 -7.89 27.13 18.90
CA VAL B 52 -7.08 26.81 20.07
C VAL B 52 -5.67 26.46 19.65
N ILE B 53 -4.68 27.23 20.15
CA ILE B 53 -3.26 26.97 19.93
C ILE B 53 -2.72 26.14 21.08
N HIS B 54 -2.57 24.81 20.87
CA HIS B 54 -1.99 23.95 21.89
C HIS B 54 -0.46 24.03 21.76
N TYR B 55 0.24 23.98 22.90
CA TYR B 55 1.70 24.00 22.92
C TYR B 55 2.17 23.17 24.11
N HIS B 56 3.46 22.84 24.12
CA HIS B 56 4.02 22.12 25.24
C HIS B 56 5.02 23.02 25.97
N ASN B 57 6.13 23.32 25.32
CA ASN B 57 7.20 24.14 25.86
C ASN B 57 7.21 25.57 25.29
N SER B 58 6.56 25.80 24.16
CA SER B 58 6.85 27.07 23.50
C SER B 58 5.78 28.10 23.88
N ALA B 59 5.74 28.52 25.16
CA ALA B 59 4.68 29.40 25.66
C ALA B 59 4.75 30.77 24.99
N GLU B 60 5.97 31.30 24.84
CA GLU B 60 6.17 32.65 24.34
C GLU B 60 5.70 32.73 22.89
N ALA B 61 6.10 31.74 22.05
CA ALA B 61 5.62 31.68 20.69
C ALA B 61 4.11 31.49 20.62
N ALA B 62 3.54 30.67 21.51
CA ALA B 62 2.11 30.38 21.49
C ALA B 62 1.31 31.68 21.75
N VAL B 63 1.75 32.43 22.75
CA VAL B 63 1.02 33.63 23.15
C VAL B 63 1.16 34.73 22.10
N SER B 64 2.38 34.84 21.54
CA SER B 64 2.65 35.79 20.48
C SER B 64 1.72 35.55 19.30
N LEU B 65 1.55 34.25 18.96
CA LEU B 65 0.65 33.95 17.88
C LEU B 65 -0.79 34.35 18.26
N ALA B 66 -1.22 33.95 19.45
CA ALA B 66 -2.57 34.27 19.91
C ALA B 66 -2.84 35.79 19.85
N ASP B 67 -1.84 36.59 20.25
CA ASP B 67 -1.95 38.05 20.27
C ASP B 67 -2.10 38.59 18.84
N GLU B 68 -1.26 38.09 17.93
CA GLU B 68 -1.35 38.44 16.51
C GLU B 68 -2.74 38.15 15.94
N LEU B 69 -3.30 36.95 16.23
CA LEU B 69 -4.56 36.57 15.59
C LEU B 69 -5.70 37.41 16.18
N ASN B 70 -5.61 37.67 17.49
CA ASN B 70 -6.62 38.46 18.18
C ASN B 70 -6.56 39.93 17.76
N LYS B 71 -5.43 40.38 17.24
CA LYS B 71 -5.34 41.73 16.71
C LYS B 71 -6.10 41.76 15.39
N GLU B 72 -6.04 40.65 14.65
CA GLU B 72 -6.73 40.56 13.37
C GLU B 72 -8.24 40.53 13.62
N ARG B 73 -8.70 39.70 14.56
CA ARG B 73 -10.09 39.56 14.94
C ARG B 73 -10.17 39.27 16.43
N SER B 74 -10.92 40.08 17.18
CA SER B 74 -10.90 39.96 18.63
C SER B 74 -11.65 38.71 19.09
N ASN B 75 -11.08 38.08 20.13
CA ASN B 75 -11.66 36.91 20.77
C ASN B 75 -11.75 35.76 19.76
N THR B 76 -10.69 35.52 18.99
CA THR B 76 -10.77 34.41 18.06
C THR B 76 -9.68 33.37 18.31
N ALA B 77 -8.80 33.59 19.30
CA ALA B 77 -7.67 32.69 19.51
C ALA B 77 -7.36 32.60 21.00
N VAL B 78 -7.17 31.37 21.49
CA VAL B 78 -6.75 31.05 22.85
C VAL B 78 -5.59 30.06 22.80
N VAL B 79 -4.80 29.98 23.89
CA VAL B 79 -3.73 29.01 24.02
C VAL B 79 -4.15 27.94 25.03
N CYS B 80 -3.52 26.76 24.93
CA CYS B 80 -3.80 25.68 25.87
C CYS B 80 -2.55 24.79 26.01
N GLN B 81 -1.95 24.76 27.20
CA GLN B 81 -0.69 24.04 27.40
C GLN B 81 -0.96 22.58 27.77
N ALA B 82 -0.22 21.62 27.17
CA ALA B 82 -0.25 20.24 27.65
C ALA B 82 0.92 19.43 27.14
N ASP B 83 1.42 18.53 27.98
CA ASP B 83 2.33 17.49 27.55
C ASP B 83 1.50 16.34 26.94
N LEU B 84 1.93 15.83 25.77
CA LEU B 84 1.19 14.76 25.07
C LEU B 84 1.96 13.44 25.15
N THR B 85 2.95 13.38 26.05
CA THR B 85 3.64 12.13 26.38
C THR B 85 2.64 11.13 26.98
N ASN B 86 2.79 9.85 26.61
CA ASN B 86 1.93 8.79 27.13
C ASN B 86 2.12 8.69 28.65
N SER B 87 1.00 8.74 29.39
CA SER B 87 0.98 8.47 30.83
C SER B 87 -0.45 8.18 31.27
N ASN B 88 -0.59 7.91 32.57
CA ASN B 88 -1.90 7.67 33.16
C ASN B 88 -2.77 8.93 33.17
N VAL B 89 -2.17 10.13 33.02
CA VAL B 89 -2.94 11.37 32.99
C VAL B 89 -3.16 11.88 31.56
N LEU B 90 -2.62 11.18 30.54
CA LEU B 90 -2.78 11.66 29.16
C LEU B 90 -4.26 11.79 28.80
N PRO B 91 -5.13 10.81 29.12
CA PRO B 91 -6.54 10.96 28.75
C PRO B 91 -7.17 12.23 29.27
N ALA B 92 -6.89 12.55 30.56
CA ALA B 92 -7.49 13.74 31.14
C ALA B 92 -6.96 15.00 30.44
N SER B 93 -5.65 15.02 30.13
CA SER B 93 -5.05 16.10 29.36
C SER B 93 -5.77 16.32 28.04
N CYS B 94 -6.02 15.21 27.32
CA CYS B 94 -6.64 15.33 25.99
C CYS B 94 -8.07 15.84 26.13
N GLU B 95 -8.80 15.31 27.09
CA GLU B 95 -10.15 15.79 27.33
C GLU B 95 -10.17 17.30 27.60
N GLU B 96 -9.19 17.77 28.38
CA GLU B 96 -9.06 19.18 28.73
C GLU B 96 -8.76 20.04 27.51
N ILE B 97 -7.95 19.50 26.59
CA ILE B 97 -7.65 20.26 25.39
C ILE B 97 -8.92 20.54 24.61
N ILE B 98 -9.73 19.49 24.39
CA ILE B 98 -10.99 19.60 23.68
C ILE B 98 -11.95 20.53 24.43
N ASN B 99 -12.12 20.26 25.73
CA ASN B 99 -12.93 21.10 26.62
C ASN B 99 -12.54 22.57 26.47
N SER B 100 -11.23 22.89 26.33
CA SER B 100 -10.77 24.27 26.22
CA SER B 100 -10.80 24.27 26.25
C SER B 100 -11.40 24.97 25.02
N CYS B 101 -11.58 24.23 23.92
CA CYS B 101 -12.16 24.81 22.71
C CYS B 101 -13.63 25.11 23.01
N PHE B 102 -14.30 24.18 23.72
CA PHE B 102 -15.73 24.36 23.96
C PHE B 102 -15.95 25.54 24.91
N ARG B 103 -15.11 25.62 25.96
CA ARG B 103 -15.18 26.71 26.94
C ARG B 103 -14.98 28.05 26.25
N ALA B 104 -14.03 28.13 25.33
CA ALA B 104 -13.76 29.39 24.66
C ALA B 104 -14.79 29.74 23.59
N PHE B 105 -15.29 28.76 22.81
CA PHE B 105 -15.90 29.15 21.54
C PHE B 105 -17.29 28.52 21.40
N GLY B 106 -17.62 27.60 22.31
CA GLY B 106 -18.96 27.03 22.34
C GLY B 106 -19.12 25.86 21.36
N ARG B 107 -18.03 25.41 20.74
CA ARG B 107 -18.12 24.38 19.70
C ARG B 107 -16.69 23.95 19.35
N CYS B 108 -16.55 22.77 18.72
CA CYS B 108 -15.24 22.32 18.22
C CYS B 108 -15.46 21.57 16.90
N ASP B 109 -15.15 22.22 15.77
CA ASP B 109 -15.51 21.77 14.45
C ASP B 109 -14.35 20.93 13.87
N VAL B 110 -13.13 21.31 14.21
CA VAL B 110 -11.94 20.77 13.53
C VAL B 110 -10.90 20.43 14.59
N LEU B 111 -10.24 19.26 14.42
CA LEU B 111 -9.10 18.86 15.24
C LEU B 111 -7.94 18.56 14.28
N VAL B 112 -6.80 19.20 14.53
CA VAL B 112 -5.58 18.95 13.76
C VAL B 112 -4.53 18.35 14.69
N ASN B 113 -4.25 17.05 14.48
CA ASN B 113 -3.25 16.35 15.26
C ASN B 113 -1.88 16.56 14.60
N ASN B 114 -1.16 17.60 15.05
CA ASN B 114 0.09 18.07 14.46
C ASN B 114 1.29 17.81 15.38
N ALA B 115 1.14 17.93 16.72
CA ALA B 115 2.26 17.81 17.64
C ALA B 115 2.97 16.47 17.42
N SER B 116 4.30 16.47 17.49
CA SER B 116 5.06 15.24 17.21
C SER B 116 6.44 15.31 17.84
N ALA B 117 6.86 14.24 18.53
CA ALA B 117 8.25 14.08 18.96
C ALA B 117 8.98 13.33 17.86
N PHE B 118 10.28 13.63 17.65
CA PHE B 118 11.02 13.03 16.57
C PHE B 118 12.50 13.00 16.99
N TYR B 119 13.04 11.80 17.15
CA TYR B 119 14.46 11.64 17.42
C TYR B 119 14.76 10.15 17.31
N PRO B 120 16.04 9.75 17.11
CA PRO B 120 16.40 8.35 16.86
C PRO B 120 16.28 7.54 18.14
N THR B 121 15.91 6.26 17.96
CA THR B 121 15.76 5.28 19.02
C THR B 121 16.38 3.97 18.53
N PRO B 122 17.72 3.87 18.45
CA PRO B 122 18.41 2.73 17.83
C PRO B 122 18.09 1.44 18.56
N LEU B 123 18.01 0.35 17.78
CA LEU B 123 17.68 -0.94 18.36
C LEU B 123 18.89 -1.50 19.09
N VAL B 124 20.09 -1.18 18.58
CA VAL B 124 21.31 -1.77 19.11
C VAL B 124 22.24 -0.69 19.71
N GLY B 134 19.46 11.74 26.66
CA GLY B 134 19.85 10.46 27.29
C GLY B 134 18.70 9.84 28.08
N LYS B 135 17.58 9.58 27.38
CA LYS B 135 16.31 9.16 27.95
C LYS B 135 16.29 7.65 28.15
N THR B 136 15.48 7.18 29.10
CA THR B 136 15.27 5.74 29.18
C THR B 136 14.38 5.32 28.01
N VAL B 137 14.50 4.04 27.66
CA VAL B 137 13.69 3.48 26.59
C VAL B 137 12.20 3.69 26.91
N GLU B 138 11.79 3.54 28.17
CA GLU B 138 10.36 3.68 28.43
C GLU B 138 9.92 5.13 28.20
N THR B 139 10.84 6.09 28.42
CA THR B 139 10.55 7.50 28.16
C THR B 139 10.39 7.70 26.65
N GLN B 140 11.31 7.10 25.89
CA GLN B 140 11.32 7.19 24.42
C GLN B 140 10.00 6.66 23.85
N VAL B 141 9.59 5.49 24.35
CA VAL B 141 8.27 4.94 24.05
C VAL B 141 7.16 5.94 24.37
N ALA B 142 7.13 6.44 25.62
CA ALA B 142 6.01 7.27 26.02
C ALA B 142 5.94 8.53 25.15
N GLU B 143 7.09 9.11 24.86
CA GLU B 143 7.10 10.36 24.13
C GLU B 143 6.79 10.16 22.65
N LEU B 144 7.45 9.20 22.00
CA LEU B 144 7.24 9.06 20.56
C LEU B 144 5.90 8.39 20.22
N ILE B 145 5.48 7.37 20.99
CA ILE B 145 4.19 6.76 20.73
C ILE B 145 3.06 7.64 21.29
N GLY B 146 3.26 8.28 22.46
CA GLY B 146 2.25 9.18 23.02
C GLY B 146 1.90 10.35 22.07
N THR B 147 2.94 11.12 21.65
CA THR B 147 2.70 12.31 20.84
C THR B 147 2.14 11.91 19.48
N ASN B 148 2.71 10.86 18.86
CA ASN B 148 2.42 10.59 17.46
C ASN B 148 1.16 9.75 17.29
N ALA B 149 0.69 9.06 18.33
CA ALA B 149 -0.37 8.07 18.12
C ALA B 149 -1.43 8.09 19.24
N ILE B 150 -0.97 7.92 20.48
CA ILE B 150 -1.92 7.82 21.59
C ILE B 150 -2.67 9.11 21.88
N ALA B 151 -1.95 10.23 21.93
CA ALA B 151 -2.63 11.49 22.17
C ALA B 151 -3.61 11.76 21.02
N PRO B 152 -3.23 11.61 19.72
CA PRO B 152 -4.24 11.67 18.66
C PRO B 152 -5.48 10.80 18.88
N PHE B 153 -5.28 9.54 19.32
CA PHE B 153 -6.42 8.68 19.58
C PHE B 153 -7.31 9.34 20.66
N LEU B 154 -6.70 9.77 21.76
CA LEU B 154 -7.47 10.24 22.92
C LEU B 154 -8.13 11.57 22.59
N LEU B 155 -7.43 12.43 21.84
CA LEU B 155 -8.05 13.63 21.27
C LEU B 155 -9.25 13.34 20.35
N THR B 156 -9.14 12.28 19.54
CA THR B 156 -10.21 11.93 18.61
C THR B 156 -11.41 11.46 19.44
N MET B 157 -11.13 10.71 20.50
CA MET B 157 -12.25 10.20 21.32
C MET B 157 -13.00 11.36 21.98
N SER B 158 -12.25 12.28 22.60
CA SER B 158 -12.82 13.43 23.29
C SER B 158 -13.54 14.33 22.29
N PHE B 159 -12.95 14.54 21.12
CA PHE B 159 -13.59 15.32 20.06
C PHE B 159 -14.94 14.73 19.68
N ALA B 160 -15.00 13.42 19.44
CA ALA B 160 -16.25 12.82 18.98
C ALA B 160 -17.27 12.79 20.12
N GLN B 161 -16.80 12.51 21.34
CA GLN B 161 -17.73 12.37 22.47
C GLN B 161 -18.43 13.69 22.77
N ARG B 162 -17.76 14.82 22.51
CA ARG B 162 -18.27 16.11 22.94
C ARG B 162 -19.18 16.73 21.89
N GLN B 163 -19.39 16.06 20.74
CA GLN B 163 -20.26 16.65 19.72
C GLN B 163 -21.71 16.67 20.23
N LYS B 164 -22.32 17.87 20.29
CA LYS B 164 -23.68 18.06 20.81
C LYS B 164 -24.47 19.00 19.89
N SER B 173 -22.28 20.29 11.21
CA SER B 173 -21.89 20.95 9.94
C SER B 173 -20.37 21.03 9.84
N ASN B 174 -19.84 20.25 8.90
CA ASN B 174 -18.46 20.22 8.46
C ASN B 174 -17.48 19.90 9.59
N LEU B 175 -17.69 18.78 10.28
CA LEU B 175 -16.76 18.35 11.32
C LEU B 175 -15.66 17.48 10.69
N SER B 176 -14.40 17.76 10.99
CA SER B 176 -13.39 16.82 10.51
C SER B 176 -12.14 16.86 11.38
N ILE B 177 -11.32 15.79 11.22
CA ILE B 177 -10.05 15.68 11.91
C ILE B 177 -9.00 15.54 10.80
N VAL B 178 -7.82 16.12 11.01
CA VAL B 178 -6.72 15.96 10.07
C VAL B 178 -5.49 15.56 10.88
N ASN B 179 -4.89 14.41 10.52
CA ASN B 179 -3.71 13.91 11.22
C ASN B 179 -2.48 14.18 10.37
N LEU B 180 -1.40 14.73 10.96
CA LEU B 180 -0.15 14.93 10.21
C LEU B 180 0.64 13.62 10.26
N CYS B 181 0.74 12.99 9.09
CA CYS B 181 1.34 11.70 8.89
C CYS B 181 2.74 11.94 8.32
N ASP B 182 3.31 10.96 7.63
CA ASP B 182 4.69 11.10 7.15
C ASP B 182 4.80 10.27 5.87
N ALA B 183 5.16 10.93 4.74
CA ALA B 183 5.09 10.26 3.44
C ALA B 183 6.16 9.17 3.34
N MET B 184 7.16 9.20 4.25
CA MET B 184 8.30 8.31 4.08
C MET B 184 8.23 7.13 5.03
N VAL B 185 7.05 6.79 5.53
CA VAL B 185 6.97 5.76 6.57
C VAL B 185 7.28 4.36 6.06
N ASP B 186 7.18 4.13 4.74
CA ASP B 186 7.54 2.82 4.20
C ASP B 186 8.99 2.83 3.69
N GLN B 187 9.65 3.97 3.80
CA GLN B 187 11.07 4.09 3.47
C GLN B 187 11.74 4.86 4.59
N PRO B 188 11.76 4.28 5.81
CA PRO B 188 12.10 5.03 7.02
C PRO B 188 13.57 5.42 7.15
N CYS B 189 13.85 6.45 7.95
CA CYS B 189 15.22 6.74 8.34
C CYS B 189 15.73 5.62 9.25
N MET B 190 17.00 5.27 9.08
CA MET B 190 17.68 4.29 9.92
C MET B 190 17.57 4.71 11.39
N ALA B 191 17.25 3.76 12.28
CA ALA B 191 17.26 3.92 13.73
C ALA B 191 16.12 4.80 14.24
N PHE B 192 15.02 4.90 13.47
CA PHE B 192 13.85 5.68 13.90
C PHE B 192 12.64 4.76 14.08
N SER B 193 12.87 3.57 14.66
CA SER B 193 11.76 2.62 14.69
CA SER B 193 11.80 2.58 14.79
C SER B 193 10.57 3.15 15.50
N LEU B 194 10.79 3.78 16.68
CA LEU B 194 9.63 4.15 17.50
C LEU B 194 8.84 5.28 16.83
N TYR B 195 9.59 6.21 16.22
CA TYR B 195 8.93 7.28 15.46
C TYR B 195 8.08 6.67 14.34
N ASN B 196 8.65 5.69 13.63
CA ASN B 196 8.02 5.09 12.47
CA ASN B 196 7.99 5.11 12.48
C ASN B 196 6.80 4.27 12.95
N MET B 197 6.97 3.55 14.05
CA MET B 197 5.82 2.86 14.62
C MET B 197 4.69 3.84 14.95
N GLY B 198 5.03 4.97 15.58
CA GLY B 198 3.98 5.93 15.96
C GLY B 198 3.26 6.46 14.72
N LYS B 199 4.01 6.81 13.66
CA LYS B 199 3.33 7.35 12.48
C LYS B 199 2.56 6.27 11.71
N HIS B 200 2.98 4.99 11.77
CA HIS B 200 2.16 3.97 11.14
C HIS B 200 0.87 3.82 11.95
N ALA B 201 1.02 3.87 13.28
CA ALA B 201 -0.18 3.75 14.12
C ALA B 201 -1.17 4.86 13.79
N LEU B 202 -0.64 6.05 13.50
CA LEU B 202 -1.48 7.19 13.16
C LEU B 202 -2.24 6.95 11.85
N VAL B 203 -1.60 6.26 10.88
CA VAL B 203 -2.33 5.84 9.68
C VAL B 203 -3.51 4.94 10.08
N GLY B 204 -3.23 3.97 10.97
CA GLY B 204 -4.31 3.07 11.37
C GLY B 204 -5.43 3.83 12.05
N LEU B 205 -5.07 4.82 12.90
CA LEU B 205 -6.08 5.62 13.58
C LEU B 205 -6.92 6.37 12.53
N THR B 206 -6.23 6.99 11.56
CA THR B 206 -6.92 7.72 10.50
C THR B 206 -8.01 6.86 9.85
N GLN B 207 -7.60 5.63 9.47
CA GLN B 207 -8.54 4.75 8.79
C GLN B 207 -9.62 4.28 9.75
N SER B 208 -9.21 3.82 10.95
CA SER B 208 -10.19 3.26 11.88
C SER B 208 -11.20 4.33 12.29
N ALA B 209 -10.72 5.55 12.56
CA ALA B 209 -11.66 6.55 13.06
C ALA B 209 -12.54 7.06 11.91
N ALA B 210 -11.97 7.14 10.69
CA ALA B 210 -12.80 7.51 9.54
C ALA B 210 -13.97 6.54 9.41
N LEU B 211 -13.73 5.23 9.55
CA LEU B 211 -14.83 4.28 9.39
C LEU B 211 -15.85 4.46 10.53
N GLU B 212 -15.32 4.61 11.75
CA GLU B 212 -16.19 4.62 12.93
C GLU B 212 -16.94 5.94 13.09
N LEU B 213 -16.33 7.06 12.72
CA LEU B 213 -17.01 8.36 12.89
C LEU B 213 -17.84 8.79 11.68
N ALA B 214 -17.72 8.06 10.57
CA ALA B 214 -18.46 8.43 9.36
C ALA B 214 -19.96 8.56 9.65
N PRO B 215 -20.60 7.65 10.43
CA PRO B 215 -22.04 7.78 10.71
C PRO B 215 -22.40 9.04 11.49
N TYR B 216 -21.43 9.67 12.16
CA TYR B 216 -21.68 10.92 12.85
C TYR B 216 -21.37 12.11 11.94
N GLY B 217 -20.91 11.85 10.71
CA GLY B 217 -20.66 12.97 9.82
C GLY B 217 -19.30 13.62 10.07
N ILE B 218 -18.44 12.93 10.84
CA ILE B 218 -17.10 13.47 11.09
C ILE B 218 -16.14 12.77 10.13
N ARG B 219 -15.46 13.57 9.32
CA ARG B 219 -14.47 13.02 8.37
C ARG B 219 -13.10 13.00 9.05
N VAL B 220 -12.25 12.05 8.64
CA VAL B 220 -10.95 11.95 9.29
C VAL B 220 -9.94 11.63 8.19
N ASN B 221 -8.92 12.48 8.02
CA ASN B 221 -8.02 12.38 6.89
C ASN B 221 -6.62 12.66 7.41
N GLY B 222 -5.64 12.50 6.51
CA GLY B 222 -4.29 12.86 6.90
C GLY B 222 -3.59 13.67 5.82
N VAL B 223 -2.51 14.33 6.21
CA VAL B 223 -1.62 15.00 5.28
C VAL B 223 -0.24 14.46 5.62
N ALA B 224 0.50 14.04 4.59
CA ALA B 224 1.77 13.38 4.83
C ALA B 224 2.89 14.16 4.14
N PRO B 225 3.63 15.04 4.87
CA PRO B 225 4.78 15.74 4.33
C PRO B 225 5.87 14.72 4.03
N GLY B 226 6.77 15.11 3.11
CA GLY B 226 8.01 14.36 2.92
C GLY B 226 9.13 15.09 3.67
N VAL B 227 9.79 16.01 2.98
CA VAL B 227 10.70 16.99 3.62
CA VAL B 227 10.64 16.95 3.70
C VAL B 227 9.99 18.33 3.61
N SER B 228 9.74 18.89 4.79
CA SER B 228 9.20 20.23 4.92
C SER B 228 10.23 21.02 5.70
N LEU B 229 9.79 21.92 6.58
CA LEU B 229 10.74 22.74 7.34
C LEU B 229 11.76 21.86 8.05
N LEU B 230 13.04 22.05 7.73
CA LEU B 230 14.05 21.25 8.42
C LEU B 230 14.41 21.98 9.72
N PRO B 231 15.06 21.35 10.74
CA PRO B 231 15.47 22.08 11.95
C PRO B 231 16.35 23.27 11.64
N VAL B 232 16.15 24.41 12.33
CA VAL B 232 16.81 25.63 11.90
C VAL B 232 18.32 25.50 12.14
N ALA B 233 18.69 24.69 13.13
CA ALA B 233 20.08 24.50 13.52
C ALA B 233 20.81 23.43 12.72
N MET B 234 20.07 22.60 11.96
CA MET B 234 20.67 21.65 11.03
C MET B 234 21.48 22.42 10.00
N GLY B 235 22.72 22.01 9.72
CA GLY B 235 23.60 22.73 8.80
C GLY B 235 23.00 22.80 7.40
N GLU B 236 23.13 23.96 6.72
CA GLU B 236 22.57 24.06 5.38
C GLU B 236 23.10 22.95 4.48
N GLU B 237 24.36 22.53 4.70
CA GLU B 237 24.95 21.52 3.82
C GLU B 237 24.22 20.18 4.02
N GLU B 238 23.72 19.91 5.23
CA GLU B 238 22.91 18.73 5.50
C GLU B 238 21.50 18.92 4.94
N LYS B 239 20.92 20.13 5.11
CA LYS B 239 19.61 20.46 4.54
C LYS B 239 19.58 20.21 3.03
N ASP B 240 20.68 20.60 2.36
CA ASP B 240 20.85 20.42 0.92
C ASP B 240 20.89 18.95 0.49
N LYS B 241 21.42 18.05 1.33
CA LYS B 241 21.38 16.62 1.00
C LYS B 241 19.93 16.16 0.80
N TRP B 242 19.03 16.66 1.67
CA TRP B 242 17.61 16.34 1.59
C TRP B 242 16.92 17.05 0.41
N ARG B 243 17.15 18.35 0.32
CA ARG B 243 16.54 19.12 -0.79
C ARG B 243 16.90 18.49 -2.15
N ARG B 244 18.11 17.98 -2.31
CA ARG B 244 18.53 17.52 -3.63
C ARG B 244 17.79 16.23 -4.00
N LYS B 245 17.21 15.53 -3.03
CA LYS B 245 16.53 14.27 -3.32
C LYS B 245 15.10 14.51 -3.85
N VAL B 246 14.57 15.74 -3.74
CA VAL B 246 13.16 16.02 -4.04
C VAL B 246 13.01 16.30 -5.53
N PRO B 247 12.25 15.46 -6.29
CA PRO B 247 12.06 15.65 -7.73
C PRO B 247 11.57 17.03 -8.11
N LEU B 248 10.51 17.48 -7.44
CA LEU B 248 9.80 18.70 -7.80
C LEU B 248 10.46 19.93 -7.17
N GLY B 249 11.50 20.45 -7.85
CA GLY B 249 12.08 21.74 -7.52
C GLY B 249 13.27 21.64 -6.57
N ARG B 250 13.65 20.42 -6.16
CA ARG B 250 14.83 20.21 -5.32
C ARG B 250 14.82 21.13 -4.09
N ARG B 251 13.67 21.18 -3.39
CA ARG B 251 13.52 22.02 -2.21
C ARG B 251 12.47 21.35 -1.32
N GLU B 252 12.51 21.70 -0.02
CA GLU B 252 11.55 21.20 0.96
C GLU B 252 10.24 21.96 0.80
N ALA B 253 9.11 21.37 1.26
CA ALA B 253 7.88 22.13 1.31
C ALA B 253 7.97 23.24 2.37
N SER B 254 7.34 24.37 2.07
CA SER B 254 7.11 25.35 3.13
C SER B 254 6.01 24.84 4.05
N ALA B 255 5.93 25.46 5.23
CA ALA B 255 4.89 25.13 6.20
C ALA B 255 3.54 25.44 5.57
N GLU B 256 3.49 26.54 4.79
CA GLU B 256 2.24 26.99 4.21
C GLU B 256 1.70 25.96 3.20
N GLN B 257 2.60 25.31 2.46
CA GLN B 257 2.21 24.33 1.45
C GLN B 257 1.56 23.10 2.13
N ILE B 258 2.07 22.78 3.31
CA ILE B 258 1.48 21.70 4.10
C ILE B 258 0.13 22.19 4.58
N ALA B 259 0.07 23.45 5.06
CA ALA B 259 -1.19 23.94 5.58
C ALA B 259 -2.27 23.96 4.49
N ASP B 260 -1.88 24.26 3.23
CA ASP B 260 -2.82 24.33 2.12
C ASP B 260 -3.62 23.02 1.99
N ALA B 261 -2.95 21.87 2.20
CA ALA B 261 -3.62 20.59 2.07
C ALA B 261 -4.58 20.38 3.24
N VAL B 262 -4.15 20.79 4.44
CA VAL B 262 -5.04 20.75 5.61
C VAL B 262 -6.30 21.55 5.31
N ILE B 263 -6.14 22.82 4.87
CA ILE B 263 -7.30 23.65 4.56
C ILE B 263 -8.25 22.99 3.56
N PHE B 264 -7.70 22.37 2.51
CA PHE B 264 -8.52 21.65 1.54
C PHE B 264 -9.37 20.60 2.27
N LEU B 265 -8.71 19.78 3.12
CA LEU B 265 -9.40 18.65 3.73
C LEU B 265 -10.52 19.06 4.67
N VAL B 266 -10.37 20.21 5.31
CA VAL B 266 -11.40 20.66 6.25
C VAL B 266 -12.49 21.42 5.49
N SER B 267 -12.23 21.72 4.22
CA SER B 267 -13.12 22.59 3.44
C SER B 267 -14.34 21.85 2.91
N GLY B 268 -15.30 22.64 2.42
CA GLY B 268 -16.47 22.15 1.71
C GLY B 268 -16.15 21.42 0.39
N SER B 269 -14.94 21.57 -0.15
CA SER B 269 -14.50 20.94 -1.38
C SER B 269 -14.04 19.49 -1.13
N ALA B 270 -14.06 19.06 0.14
CA ALA B 270 -13.57 17.73 0.52
C ALA B 270 -14.64 16.98 1.31
N GLN B 271 -15.91 17.34 1.09
CA GLN B 271 -16.97 16.81 1.92
C GLN B 271 -17.26 15.32 1.73
N TYR B 272 -16.72 14.68 0.68
CA TYR B 272 -16.91 13.24 0.52
C TYR B 272 -15.63 12.48 0.84
N ILE B 273 -14.58 13.20 1.23
CA ILE B 273 -13.29 12.56 1.43
C ILE B 273 -13.16 12.17 2.92
N THR B 274 -12.97 10.88 3.20
CA THR B 274 -12.69 10.46 4.55
C THR B 274 -11.78 9.23 4.44
N GLY B 275 -10.82 9.13 5.38
CA GLY B 275 -9.91 8.00 5.36
C GLY B 275 -8.81 8.15 4.32
N SER B 276 -8.59 9.36 3.80
CA SER B 276 -7.62 9.58 2.74
C SER B 276 -6.41 10.24 3.37
N ILE B 277 -5.21 9.91 2.88
CA ILE B 277 -3.99 10.58 3.35
C ILE B 277 -3.33 11.21 2.12
N ILE B 278 -3.24 12.54 2.09
CA ILE B 278 -2.69 13.21 0.91
C ILE B 278 -1.20 13.41 1.15
N LYS B 279 -0.38 12.84 0.27
CA LYS B 279 1.07 13.09 0.34
C LYS B 279 1.33 14.50 -0.19
N VAL B 280 2.17 15.25 0.52
CA VAL B 280 2.55 16.57 0.04
C VAL B 280 4.07 16.54 0.08
N ASP B 281 4.66 15.86 -0.91
CA ASP B 281 6.05 15.50 -0.75
C ASP B 281 6.92 15.80 -1.98
N GLY B 282 6.39 16.50 -2.99
CA GLY B 282 7.21 16.84 -4.16
C GLY B 282 7.77 15.61 -4.88
N GLY B 283 7.17 14.43 -4.69
CA GLY B 283 7.60 13.20 -5.31
C GLY B 283 8.73 12.47 -4.56
N LEU B 284 9.10 12.93 -3.36
CA LEU B 284 10.23 12.33 -2.62
C LEU B 284 10.07 10.82 -2.43
N SER B 285 8.85 10.39 -2.06
CA SER B 285 8.56 9.00 -1.75
C SER B 285 8.64 8.09 -2.99
N LEU B 286 8.78 8.69 -4.19
CA LEU B 286 8.83 7.93 -5.45
C LEU B 286 10.26 7.59 -5.86
N VAL B 287 11.26 8.18 -5.18
CA VAL B 287 12.67 8.10 -5.58
C VAL B 287 13.32 6.89 -4.90
N HIS B 288 13.97 6.01 -5.69
CA HIS B 288 14.59 4.80 -5.17
C HIS B 288 15.94 5.16 -4.56
N ALA B 289 16.48 4.24 -3.73
CA ALA B 289 17.78 4.40 -3.10
C ALA B 289 18.87 4.70 -4.14
N GLU C 23 0.35 -39.14 -12.49
CA GLU C 23 1.36 -39.59 -11.49
C GLU C 23 1.96 -38.37 -10.77
N ALA C 24 2.88 -37.66 -11.44
CA ALA C 24 3.54 -36.48 -10.90
C ALA C 24 2.90 -35.19 -11.46
N PRO C 25 2.93 -34.04 -10.72
CA PRO C 25 2.20 -32.85 -11.17
C PRO C 25 3.03 -32.21 -12.29
N ALA C 26 2.47 -31.24 -13.03
CA ALA C 26 3.22 -30.64 -14.14
C ALA C 26 3.17 -29.11 -14.08
N ALA C 27 4.26 -28.43 -14.49
CA ALA C 27 4.30 -26.98 -14.42
C ALA C 27 4.72 -26.39 -15.77
N VAL C 28 4.15 -25.24 -16.16
CA VAL C 28 4.66 -24.45 -17.27
C VAL C 28 5.46 -23.29 -16.68
N VAL C 29 6.64 -23.02 -17.22
CA VAL C 29 7.38 -21.82 -16.82
C VAL C 29 7.67 -21.03 -18.08
N THR C 30 7.23 -19.76 -18.15
CA THR C 30 7.52 -18.97 -19.33
C THR C 30 8.90 -18.34 -19.21
N GLY C 31 9.58 -18.13 -20.36
CA GLY C 31 10.95 -17.63 -20.47
C GLY C 31 11.91 -18.46 -19.62
N ALA C 32 11.86 -19.80 -19.77
CA ALA C 32 12.45 -20.70 -18.78
C ALA C 32 13.88 -21.09 -19.17
N ALA C 33 14.44 -20.51 -20.23
CA ALA C 33 15.64 -21.09 -20.81
C ALA C 33 16.86 -20.56 -20.07
N LYS C 34 16.70 -19.37 -19.48
CA LYS C 34 17.84 -18.67 -18.90
C LYS C 34 17.44 -18.05 -17.56
N ARG C 35 18.48 -17.73 -16.76
CA ARG C 35 18.35 -16.81 -15.64
C ARG C 35 17.30 -17.28 -14.65
N ILE C 36 16.37 -16.37 -14.28
CA ILE C 36 15.41 -16.67 -13.22
C ILE C 36 14.48 -17.83 -13.62
N GLY C 37 13.94 -17.79 -14.84
CA GLY C 37 13.03 -18.85 -15.27
C GLY C 37 13.67 -20.25 -15.30
N ARG C 38 14.95 -20.31 -15.70
CA ARG C 38 15.66 -21.57 -15.65
C ARG C 38 15.77 -22.09 -14.22
N ALA C 39 16.12 -21.19 -13.28
CA ALA C 39 16.28 -21.59 -11.89
C ALA C 39 14.94 -22.11 -11.38
N ILE C 40 13.87 -21.42 -11.79
CA ILE C 40 12.54 -21.82 -11.35
C ILE C 40 12.18 -23.21 -11.91
N ALA C 41 12.33 -23.39 -13.21
CA ALA C 41 12.17 -24.71 -13.83
C ALA C 41 12.97 -25.84 -13.14
N VAL C 42 14.28 -25.62 -12.91
CA VAL C 42 15.12 -26.65 -12.30
C VAL C 42 14.58 -27.00 -10.93
N LYS C 43 14.26 -25.96 -10.15
CA LYS C 43 13.91 -26.19 -8.77
C LYS C 43 12.56 -26.93 -8.77
N LEU C 44 11.67 -26.55 -9.70
CA LEU C 44 10.39 -27.23 -9.79
C LEU C 44 10.63 -28.72 -10.07
N HIS C 45 11.50 -28.97 -11.05
CA HIS C 45 11.86 -30.33 -11.47
C HIS C 45 12.40 -31.13 -10.27
N GLN C 46 13.37 -30.56 -9.57
CA GLN C 46 13.98 -31.19 -8.41
C GLN C 46 12.96 -31.44 -7.30
N THR C 47 11.84 -30.71 -7.33
CA THR C 47 10.81 -30.89 -6.32
C THR C 47 9.89 -32.01 -6.80
N GLY C 48 10.00 -32.33 -8.10
CA GLY C 48 9.34 -33.52 -8.62
C GLY C 48 8.29 -33.22 -9.68
N TYR C 49 8.19 -31.94 -10.10
CA TYR C 49 7.29 -31.57 -11.20
C TYR C 49 7.89 -32.01 -12.53
N ARG C 50 7.01 -32.38 -13.47
CA ARG C 50 7.35 -32.40 -14.89
C ARG C 50 7.18 -30.98 -15.43
N VAL C 51 8.01 -30.55 -16.39
CA VAL C 51 8.00 -29.13 -16.72
C VAL C 51 7.92 -28.88 -18.23
N VAL C 52 7.31 -27.74 -18.57
CA VAL C 52 7.34 -27.19 -19.91
C VAL C 52 8.22 -25.95 -19.83
N ILE C 53 9.27 -25.97 -20.63
CA ILE C 53 10.22 -24.87 -20.73
C ILE C 53 9.77 -24.03 -21.93
N HIS C 54 9.18 -22.85 -21.68
CA HIS C 54 8.79 -21.94 -22.73
C HIS C 54 9.99 -21.07 -23.07
N TYR C 55 10.15 -20.82 -24.37
CA TYR C 55 11.19 -19.92 -24.85
C TYR C 55 10.64 -19.14 -26.03
N HIS C 56 11.31 -18.02 -26.32
CA HIS C 56 11.06 -17.25 -27.53
C HIS C 56 12.27 -17.44 -28.46
N ASN C 57 13.43 -16.84 -28.13
CA ASN C 57 14.63 -16.84 -28.96
C ASN C 57 15.64 -17.92 -28.54
N SER C 58 15.48 -18.45 -27.32
CA SER C 58 16.57 -19.22 -26.74
C SER C 58 16.32 -20.73 -26.86
N ALA C 59 16.25 -21.19 -28.12
CA ALA C 59 15.96 -22.59 -28.43
C ALA C 59 17.07 -23.48 -27.87
N GLU C 60 18.31 -23.09 -28.18
CA GLU C 60 19.47 -23.90 -27.86
C GLU C 60 19.49 -24.14 -26.34
N ALA C 61 19.37 -23.02 -25.62
CA ALA C 61 19.38 -23.01 -24.16
C ALA C 61 18.21 -23.83 -23.62
N ALA C 62 17.03 -23.69 -24.26
CA ALA C 62 15.84 -24.42 -23.80
C ALA C 62 16.06 -25.92 -23.91
N VAL C 63 16.63 -26.32 -25.07
CA VAL C 63 16.85 -27.72 -25.35
C VAL C 63 17.89 -28.29 -24.39
N SER C 64 18.94 -27.49 -24.14
CA SER C 64 20.03 -27.87 -23.27
C SER C 64 19.51 -28.16 -21.86
N LEU C 65 18.66 -27.22 -21.37
CA LEU C 65 17.99 -27.40 -20.09
C LEU C 65 17.13 -28.67 -20.11
N ALA C 66 16.32 -28.87 -21.18
CA ALA C 66 15.42 -30.02 -21.18
C ALA C 66 16.20 -31.33 -21.09
N ASP C 67 17.36 -31.36 -21.80
CA ASP C 67 18.25 -32.51 -21.88
C ASP C 67 18.75 -32.83 -20.48
N GLU C 68 19.28 -31.80 -19.80
CA GLU C 68 19.81 -31.92 -18.46
C GLU C 68 18.77 -32.53 -17.54
N LEU C 69 17.51 -32.06 -17.66
CA LEU C 69 16.42 -32.50 -16.80
C LEU C 69 16.01 -33.95 -17.09
N ASN C 70 15.83 -34.25 -18.38
CA ASN C 70 15.44 -35.59 -18.84
C ASN C 70 16.46 -36.65 -18.46
N LYS C 71 17.75 -36.33 -18.57
CA LYS C 71 18.81 -37.20 -18.09
C LYS C 71 18.60 -37.54 -16.62
N GLU C 72 18.13 -36.57 -15.81
CA GLU C 72 17.84 -36.82 -14.41
C GLU C 72 16.63 -37.74 -14.23
N ARG C 73 15.53 -37.49 -14.97
CA ARG C 73 14.29 -38.25 -14.91
C ARG C 73 13.67 -38.29 -16.31
N SER C 74 13.50 -39.51 -16.82
CA SER C 74 13.20 -39.71 -18.24
C SER C 74 11.87 -39.06 -18.61
N ASN C 75 11.90 -38.29 -19.72
CA ASN C 75 10.69 -37.78 -20.36
C ASN C 75 9.90 -36.94 -19.33
N THR C 76 10.58 -36.00 -18.68
CA THR C 76 9.89 -35.19 -17.68
C THR C 76 9.95 -33.71 -18.05
N ALA C 77 10.70 -33.34 -19.09
CA ALA C 77 10.81 -31.95 -19.55
C ALA C 77 10.60 -31.85 -21.07
N VAL C 78 9.75 -30.91 -21.49
CA VAL C 78 9.55 -30.58 -22.89
C VAL C 78 9.72 -29.07 -23.09
N VAL C 79 9.97 -28.67 -24.34
CA VAL C 79 10.17 -27.27 -24.71
C VAL C 79 8.97 -26.81 -25.50
N CYS C 80 8.73 -25.48 -25.46
CA CYS C 80 7.60 -24.87 -26.15
C CYS C 80 8.00 -23.47 -26.61
N GLN C 81 7.94 -23.24 -27.92
CA GLN C 81 8.27 -21.94 -28.49
C GLN C 81 6.98 -21.12 -28.54
N ALA C 82 7.11 -19.84 -28.18
CA ALA C 82 6.08 -18.86 -28.54
C ALA C 82 6.65 -17.46 -28.35
N ASP C 83 6.31 -16.53 -29.26
CA ASP C 83 6.50 -15.10 -28.98
C ASP C 83 5.35 -14.63 -28.09
N LEU C 84 5.64 -13.83 -27.04
CA LEU C 84 4.60 -13.35 -26.14
C LEU C 84 4.35 -11.84 -26.27
N THR C 85 4.97 -11.21 -27.28
CA THR C 85 4.54 -9.89 -27.75
C THR C 85 3.03 -9.89 -27.95
N ASN C 86 2.32 -8.81 -27.56
CA ASN C 86 0.89 -8.71 -27.84
C ASN C 86 0.67 -8.64 -29.36
N SER C 87 -0.32 -9.40 -29.86
CA SER C 87 -0.73 -9.37 -31.27
C SER C 87 -2.04 -10.11 -31.44
N ASN C 88 -2.60 -10.12 -32.67
CA ASN C 88 -3.89 -10.77 -32.83
C ASN C 88 -3.78 -12.27 -32.59
N VAL C 89 -2.53 -12.80 -32.54
CA VAL C 89 -2.26 -14.24 -32.36
C VAL C 89 -1.80 -14.59 -30.93
N LEU C 90 -1.62 -13.59 -30.08
CA LEU C 90 -1.19 -13.89 -28.69
C LEU C 90 -2.18 -14.86 -28.05
N PRO C 91 -3.50 -14.65 -28.11
CA PRO C 91 -4.42 -15.61 -27.57
C PRO C 91 -4.08 -17.06 -27.93
N ALA C 92 -3.92 -17.35 -29.23
CA ALA C 92 -3.63 -18.71 -29.70
C ALA C 92 -2.27 -19.21 -29.21
N SER C 93 -1.28 -18.31 -29.19
CA SER C 93 0.02 -18.67 -28.62
C SER C 93 -0.11 -19.17 -27.18
N CYS C 94 -0.93 -18.46 -26.38
CA CYS C 94 -1.04 -18.73 -24.97
C CYS C 94 -1.78 -20.05 -24.76
N GLU C 95 -2.90 -20.23 -25.49
CA GLU C 95 -3.60 -21.51 -25.55
C GLU C 95 -2.59 -22.63 -25.85
N GLU C 96 -1.70 -22.39 -26.82
CA GLU C 96 -0.79 -23.44 -27.24
C GLU C 96 0.14 -23.82 -26.10
N ILE C 97 0.63 -22.82 -25.35
CA ILE C 97 1.58 -23.08 -24.28
C ILE C 97 0.92 -23.98 -23.24
N ILE C 98 -0.32 -23.62 -22.86
CA ILE C 98 -1.02 -24.43 -21.88
C ILE C 98 -1.27 -25.82 -22.48
N ASN C 99 -1.73 -25.85 -23.75
CA ASN C 99 -2.08 -27.12 -24.36
C ASN C 99 -0.90 -28.10 -24.32
N SER C 100 0.29 -27.59 -24.60
CA SER C 100 1.46 -28.44 -24.74
C SER C 100 1.74 -29.13 -23.41
N CYS C 101 1.33 -28.51 -22.32
CA CYS C 101 1.51 -29.16 -21.00
C CYS C 101 0.49 -30.32 -20.90
N PHE C 102 -0.75 -30.07 -21.30
CA PHE C 102 -1.73 -31.16 -21.24
C PHE C 102 -1.32 -32.32 -22.15
N ARG C 103 -0.70 -31.99 -23.29
CA ARG C 103 -0.29 -33.01 -24.25
C ARG C 103 0.89 -33.81 -23.71
N ALA C 104 1.89 -33.12 -23.13
CA ALA C 104 3.05 -33.82 -22.65
C ALA C 104 2.68 -34.65 -21.41
N PHE C 105 1.77 -34.14 -20.55
CA PHE C 105 1.74 -34.71 -19.21
C PHE C 105 0.33 -35.02 -18.74
N GLY C 106 -0.65 -34.63 -19.54
CA GLY C 106 -2.04 -34.95 -19.25
C GLY C 106 -2.65 -34.10 -18.13
N ARG C 107 -1.92 -33.07 -17.69
CA ARG C 107 -2.42 -32.17 -16.65
C ARG C 107 -1.52 -30.94 -16.62
N CYS C 108 -1.94 -29.93 -15.85
CA CYS C 108 -1.18 -28.69 -15.71
C CYS C 108 -1.54 -28.07 -14.37
N ASP C 109 -0.57 -28.11 -13.45
CA ASP C 109 -0.88 -27.90 -12.04
C ASP C 109 -0.42 -26.50 -11.66
N VAL C 110 0.64 -26.05 -12.33
CA VAL C 110 1.26 -24.77 -12.00
C VAL C 110 1.57 -24.02 -13.28
N LEU C 111 1.24 -22.72 -13.28
CA LEU C 111 1.73 -21.80 -14.28
C LEU C 111 2.62 -20.74 -13.60
N VAL C 112 3.85 -20.56 -14.09
CA VAL C 112 4.74 -19.52 -13.62
C VAL C 112 4.91 -18.50 -14.74
N ASN C 113 4.36 -17.28 -14.55
CA ASN C 113 4.51 -16.19 -15.51
C ASN C 113 5.78 -15.41 -15.19
N ASN C 114 6.88 -15.86 -15.81
CA ASN C 114 8.23 -15.34 -15.58
C ASN C 114 8.69 -14.46 -16.75
N ALA C 115 8.25 -14.75 -17.99
CA ALA C 115 8.80 -14.09 -19.16
C ALA C 115 8.52 -12.59 -19.13
N SER C 116 9.45 -11.82 -19.66
CA SER C 116 9.30 -10.40 -19.43
C SER C 116 10.27 -9.60 -20.28
N ALA C 117 9.80 -8.45 -20.76
CA ALA C 117 10.65 -7.50 -21.48
C ALA C 117 10.98 -6.34 -20.57
N PHE C 118 12.16 -5.73 -20.77
CA PHE C 118 12.56 -4.60 -19.91
C PHE C 118 13.51 -3.68 -20.66
N TYR C 119 13.12 -2.42 -20.82
CA TYR C 119 13.99 -1.39 -21.38
C TYR C 119 13.34 -0.01 -21.22
N PRO C 120 14.09 1.11 -21.25
CA PRO C 120 13.50 2.44 -21.08
C PRO C 120 12.54 2.86 -22.17
N THR C 121 11.54 3.68 -21.81
CA THR C 121 10.61 4.28 -22.75
C THR C 121 10.35 5.72 -22.32
N PRO C 122 11.34 6.61 -22.57
CA PRO C 122 11.28 8.01 -22.13
C PRO C 122 10.01 8.75 -22.57
N LEU C 123 9.45 9.59 -21.67
CA LEU C 123 8.25 10.37 -21.99
C LEU C 123 8.57 11.57 -22.89
N VAL C 124 9.77 12.16 -22.75
CA VAL C 124 10.14 13.36 -23.48
C VAL C 124 11.20 13.01 -24.54
N LYS C 135 12.47 0.75 -32.35
CA LYS C 135 11.10 0.31 -31.98
C LYS C 135 10.13 1.49 -32.04
N THR C 136 9.00 1.30 -32.74
CA THR C 136 7.88 2.22 -32.60
C THR C 136 7.38 2.11 -31.15
N VAL C 137 6.72 3.18 -30.71
CA VAL C 137 6.03 3.16 -29.43
C VAL C 137 5.04 1.98 -29.34
N GLU C 138 4.36 1.64 -30.45
CA GLU C 138 3.33 0.62 -30.35
C GLU C 138 3.94 -0.79 -30.28
N THR C 139 5.16 -0.96 -30.81
CA THR C 139 5.93 -2.17 -30.60
C THR C 139 6.37 -2.25 -29.13
N GLN C 140 6.70 -1.09 -28.58
CA GLN C 140 7.13 -1.04 -27.17
C GLN C 140 5.97 -1.38 -26.24
N VAL C 141 4.76 -0.92 -26.58
CA VAL C 141 3.57 -1.30 -25.83
C VAL C 141 3.36 -2.81 -25.97
N ALA C 142 3.50 -3.33 -27.19
CA ALA C 142 3.17 -4.72 -27.38
C ALA C 142 4.16 -5.60 -26.63
N GLU C 143 5.43 -5.20 -26.60
CA GLU C 143 6.43 -5.97 -25.87
C GLU C 143 6.25 -5.80 -24.37
N LEU C 144 6.21 -4.54 -23.95
CA LEU C 144 6.31 -4.18 -22.53
C LEU C 144 4.99 -4.40 -21.81
N ILE C 145 3.86 -4.11 -22.45
CA ILE C 145 2.58 -4.45 -21.84
C ILE C 145 2.19 -5.85 -22.26
N GLY C 146 2.48 -6.22 -23.52
CA GLY C 146 2.13 -7.55 -23.96
C GLY C 146 2.77 -8.68 -23.15
N THR C 147 4.11 -8.68 -23.07
CA THR C 147 4.76 -9.81 -22.40
C THR C 147 4.55 -9.73 -20.89
N ASN C 148 4.54 -8.51 -20.37
CA ASN C 148 4.53 -8.33 -18.92
C ASN C 148 3.13 -8.53 -18.32
N ALA C 149 2.07 -8.31 -19.10
CA ALA C 149 0.74 -8.27 -18.50
C ALA C 149 -0.33 -9.02 -19.29
N ILE C 150 -0.37 -8.77 -20.61
CA ILE C 150 -1.44 -9.37 -21.40
C ILE C 150 -1.24 -10.87 -21.55
N ALA C 151 -0.02 -11.32 -21.80
CA ALA C 151 0.18 -12.76 -21.92
C ALA C 151 -0.08 -13.48 -20.61
N PRO C 152 0.41 -13.00 -19.41
CA PRO C 152 -0.02 -13.60 -18.16
C PRO C 152 -1.55 -13.71 -18.07
N PHE C 153 -2.25 -12.65 -18.51
CA PHE C 153 -3.71 -12.69 -18.42
C PHE C 153 -4.32 -13.78 -19.33
N LEU C 154 -3.77 -13.93 -20.55
CA LEU C 154 -4.28 -14.92 -21.51
C LEU C 154 -3.90 -16.35 -21.08
N LEU C 155 -2.65 -16.52 -20.67
CA LEU C 155 -2.23 -17.79 -20.06
C LEU C 155 -3.09 -18.17 -18.85
N THR C 156 -3.44 -17.18 -18.00
CA THR C 156 -4.26 -17.44 -16.82
C THR C 156 -5.62 -17.96 -17.29
N MET C 157 -6.18 -17.32 -18.30
CA MET C 157 -7.48 -17.70 -18.85
C MET C 157 -7.41 -19.15 -19.36
N SER C 158 -6.37 -19.48 -20.15
CA SER C 158 -6.30 -20.81 -20.79
C SER C 158 -6.05 -21.85 -19.70
N PHE C 159 -5.20 -21.48 -18.71
CA PHE C 159 -4.90 -22.36 -17.58
C PHE C 159 -6.19 -22.73 -16.84
N ALA C 160 -7.07 -21.74 -16.60
CA ALA C 160 -8.22 -22.01 -15.76
C ALA C 160 -9.29 -22.76 -16.55
N GLN C 161 -9.48 -22.30 -17.80
CA GLN C 161 -10.45 -22.87 -18.73
C GLN C 161 -10.25 -24.39 -18.85
N ARG C 162 -8.99 -24.83 -18.95
CA ARG C 162 -8.64 -26.23 -19.16
C ARG C 162 -8.69 -27.00 -17.83
N GLN C 163 -9.08 -26.35 -16.73
CA GLN C 163 -9.31 -27.13 -15.51
C GLN C 163 -10.78 -27.55 -15.46
N SER C 173 -6.13 -31.82 -5.52
CA SER C 173 -5.19 -31.09 -6.39
C SER C 173 -4.69 -29.82 -5.69
N ASN C 174 -3.51 -29.34 -6.12
CA ASN C 174 -2.93 -28.09 -5.66
C ASN C 174 -2.55 -27.28 -6.88
N LEU C 175 -3.56 -26.60 -7.44
CA LEU C 175 -3.39 -25.75 -8.62
C LEU C 175 -3.05 -24.34 -8.13
N SER C 176 -2.03 -23.75 -8.75
CA SER C 176 -1.70 -22.36 -8.45
C SER C 176 -1.00 -21.70 -9.62
N ILE C 177 -1.01 -20.36 -9.59
CA ILE C 177 -0.32 -19.54 -10.56
C ILE C 177 0.67 -18.63 -9.81
N VAL C 178 1.88 -18.47 -10.37
CA VAL C 178 2.82 -17.54 -9.74
C VAL C 178 3.27 -16.49 -10.76
N ASN C 179 3.01 -15.20 -10.49
CA ASN C 179 3.44 -14.12 -11.36
C ASN C 179 4.73 -13.43 -10.87
N LEU C 180 5.73 -13.23 -11.76
CA LEU C 180 6.98 -12.53 -11.40
C LEU C 180 6.78 -11.01 -11.51
N CYS C 181 6.67 -10.38 -10.33
CA CYS C 181 6.34 -8.97 -10.23
C CYS C 181 7.65 -8.17 -10.05
N ASP C 182 7.60 -7.05 -9.29
CA ASP C 182 8.80 -6.20 -9.13
C ASP C 182 8.64 -5.38 -7.85
N ALA C 183 9.60 -5.54 -6.92
CA ALA C 183 9.49 -4.96 -5.60
C ALA C 183 9.62 -3.44 -5.70
N MET C 184 10.15 -2.94 -6.82
CA MET C 184 10.47 -1.53 -6.92
C MET C 184 9.41 -0.74 -7.69
N VAL C 185 8.22 -1.32 -7.86
CA VAL C 185 7.11 -0.72 -8.65
C VAL C 185 6.74 0.68 -8.16
N ASP C 186 6.83 0.90 -6.86
CA ASP C 186 6.40 2.20 -6.32
C ASP C 186 7.54 3.20 -6.22
N GLN C 187 8.77 2.78 -6.50
CA GLN C 187 9.88 3.69 -6.52
C GLN C 187 10.62 3.45 -7.84
N PRO C 188 9.98 3.77 -8.98
CA PRO C 188 10.45 3.24 -10.27
C PRO C 188 11.73 3.88 -10.81
N CYS C 189 12.41 3.15 -11.69
CA CYS C 189 13.52 3.70 -12.43
C CYS C 189 13.00 4.79 -13.36
N MET C 190 13.76 5.88 -13.40
CA MET C 190 13.55 7.02 -14.28
C MET C 190 13.42 6.55 -15.73
N ALA C 191 12.36 7.00 -16.42
CA ALA C 191 12.10 6.75 -17.84
C ALA C 191 11.67 5.31 -18.17
N PHE C 192 11.09 4.61 -17.21
CA PHE C 192 10.63 3.26 -17.42
C PHE C 192 9.11 3.20 -17.25
N SER C 193 8.42 4.25 -17.72
CA SER C 193 6.96 4.31 -17.60
C SER C 193 6.27 3.04 -18.07
N LEU C 194 6.49 2.64 -19.33
CA LEU C 194 5.72 1.51 -19.85
C LEU C 194 5.98 0.24 -19.05
N TYR C 195 7.26 -0.03 -18.76
CA TYR C 195 7.61 -1.17 -17.96
C TYR C 195 6.83 -1.14 -16.64
N ASN C 196 6.85 0.02 -15.97
CA ASN C 196 6.24 0.14 -14.64
CA ASN C 196 6.24 0.15 -14.65
C ASN C 196 4.73 -0.05 -14.76
N MET C 197 4.15 0.49 -15.85
CA MET C 197 2.72 0.28 -16.12
C MET C 197 2.40 -1.21 -16.23
N GLY C 198 3.21 -1.95 -17.02
CA GLY C 198 3.01 -3.37 -17.20
C GLY C 198 3.10 -4.12 -15.86
N LYS C 199 4.10 -3.76 -15.02
CA LYS C 199 4.23 -4.49 -13.76
C LYS C 199 3.12 -4.13 -12.78
N HIS C 200 2.64 -2.91 -12.83
CA HIS C 200 1.47 -2.57 -11.99
C HIS C 200 0.27 -3.38 -12.48
N ALA C 201 0.12 -3.47 -13.82
CA ALA C 201 -1.01 -4.24 -14.38
C ALA C 201 -1.00 -5.68 -13.87
N LEU C 202 0.21 -6.27 -13.80
CA LEU C 202 0.42 -7.64 -13.34
C LEU C 202 -0.01 -7.78 -11.87
N VAL C 203 0.31 -6.79 -11.01
CA VAL C 203 -0.26 -6.76 -9.65
C VAL C 203 -1.79 -6.84 -9.70
N GLY C 204 -2.40 -6.02 -10.56
CA GLY C 204 -3.86 -5.99 -10.72
C GLY C 204 -4.39 -7.36 -11.15
N LEU C 205 -3.69 -8.01 -12.10
CA LEU C 205 -4.07 -9.34 -12.56
C LEU C 205 -3.95 -10.36 -11.42
N THR C 206 -2.85 -10.28 -10.66
CA THR C 206 -2.64 -11.18 -9.53
C THR C 206 -3.84 -11.12 -8.59
N GLN C 207 -4.28 -9.91 -8.22
CA GLN C 207 -5.38 -9.76 -7.29
C GLN C 207 -6.69 -10.22 -7.90
N SER C 208 -6.96 -9.72 -9.12
CA SER C 208 -8.26 -9.99 -9.77
C SER C 208 -8.46 -11.49 -10.02
N ALA C 209 -7.40 -12.17 -10.47
CA ALA C 209 -7.46 -13.60 -10.77
C ALA C 209 -7.49 -14.42 -9.49
N ALA C 210 -6.80 -13.92 -8.44
CA ALA C 210 -6.89 -14.60 -7.16
C ALA C 210 -8.34 -14.61 -6.73
N LEU C 211 -9.02 -13.45 -6.82
CA LEU C 211 -10.40 -13.42 -6.37
C LEU C 211 -11.28 -14.35 -7.22
N GLU C 212 -11.11 -14.25 -8.54
CA GLU C 212 -12.06 -14.88 -9.46
C GLU C 212 -11.88 -16.40 -9.51
N LEU C 213 -10.65 -16.86 -9.28
CA LEU C 213 -10.33 -18.29 -9.44
C LEU C 213 -10.32 -19.02 -8.11
N ALA C 214 -10.46 -18.31 -7.00
CA ALA C 214 -10.48 -18.98 -5.70
C ALA C 214 -11.58 -20.03 -5.68
N PRO C 215 -12.79 -19.73 -6.23
CA PRO C 215 -13.86 -20.72 -6.35
C PRO C 215 -13.44 -22.05 -6.97
N TYR C 216 -12.47 -22.04 -7.87
CA TYR C 216 -12.01 -23.25 -8.55
C TYR C 216 -10.82 -23.86 -7.82
N GLY C 217 -10.45 -23.30 -6.66
CA GLY C 217 -9.34 -23.83 -5.90
C GLY C 217 -8.01 -23.51 -6.58
N ILE C 218 -8.03 -22.55 -7.52
CA ILE C 218 -6.79 -22.11 -8.13
C ILE C 218 -6.27 -20.92 -7.32
N ARG C 219 -5.04 -21.05 -6.82
CA ARG C 219 -4.39 -19.96 -6.10
C ARG C 219 -3.60 -19.10 -7.08
N VAL C 220 -3.50 -17.79 -6.78
CA VAL C 220 -2.81 -16.87 -7.69
C VAL C 220 -1.96 -15.91 -6.83
N ASN C 221 -0.63 -15.96 -7.02
CA ASN C 221 0.28 -15.23 -6.14
C ASN C 221 1.41 -14.60 -6.94
N GLY C 222 2.22 -13.75 -6.26
CA GLY C 222 3.31 -13.10 -6.94
C GLY C 222 4.64 -13.23 -6.16
N VAL C 223 5.74 -13.09 -6.89
CA VAL C 223 7.06 -12.99 -6.30
C VAL C 223 7.67 -11.76 -6.94
N ALA C 224 8.20 -10.86 -6.08
CA ALA C 224 8.66 -9.56 -6.51
C ALA C 224 10.15 -9.41 -6.18
N PRO C 225 11.05 -9.65 -7.16
CA PRO C 225 12.50 -9.46 -6.96
C PRO C 225 12.82 -7.97 -6.90
N GLY C 226 13.93 -7.64 -6.24
CA GLY C 226 14.46 -6.29 -6.29
C GLY C 226 15.55 -6.21 -7.35
N VAL C 227 16.81 -6.37 -6.91
CA VAL C 227 17.87 -6.60 -7.88
C VAL C 227 18.26 -8.05 -7.72
N SER C 228 18.05 -8.80 -8.80
CA SER C 228 18.54 -10.16 -8.89
C SER C 228 19.66 -10.11 -9.91
N LEU C 229 19.90 -11.23 -10.61
CA LEU C 229 20.78 -11.26 -11.78
C LEU C 229 20.60 -9.96 -12.57
N LEU C 230 21.69 -9.23 -12.73
CA LEU C 230 21.59 -7.94 -13.39
C LEU C 230 21.69 -8.16 -14.90
N PRO C 231 21.12 -7.26 -15.75
CA PRO C 231 21.22 -7.39 -17.21
C PRO C 231 22.66 -7.57 -17.69
N VAL C 232 22.84 -8.47 -18.66
CA VAL C 232 24.14 -8.77 -19.25
C VAL C 232 24.77 -7.49 -19.77
N ALA C 233 23.91 -6.58 -20.25
CA ALA C 233 24.28 -5.36 -20.95
C ALA C 233 24.88 -4.31 -20.00
N MET C 234 24.28 -4.15 -18.80
CA MET C 234 24.58 -3.00 -17.95
C MET C 234 26.00 -3.06 -17.41
N GLY C 235 26.62 -1.88 -17.30
CA GLY C 235 27.98 -1.71 -16.80
C GLY C 235 28.20 -2.47 -15.49
N GLU C 236 29.47 -2.84 -15.25
CA GLU C 236 29.87 -3.56 -14.05
C GLU C 236 29.94 -2.58 -12.88
N GLU C 237 30.25 -1.31 -13.18
CA GLU C 237 30.27 -0.24 -12.20
C GLU C 237 28.83 0.13 -11.81
N GLU C 238 27.93 0.18 -12.79
CA GLU C 238 26.52 0.45 -12.55
C GLU C 238 25.91 -0.67 -11.70
N LYS C 239 26.38 -1.92 -11.93
CA LYS C 239 25.90 -3.08 -11.21
C LYS C 239 26.26 -2.96 -9.73
N ASP C 240 27.50 -2.53 -9.43
CA ASP C 240 27.97 -2.50 -8.06
C ASP C 240 27.25 -1.37 -7.30
N LYS C 241 26.87 -0.33 -8.05
CA LYS C 241 26.13 0.79 -7.50
C LYS C 241 24.80 0.29 -6.92
N TRP C 242 24.17 -0.66 -7.63
CA TRP C 242 22.93 -1.29 -7.17
C TRP C 242 23.20 -2.24 -6.01
N ARG C 243 24.24 -3.07 -6.13
CA ARG C 243 24.59 -4.02 -5.07
C ARG C 243 24.73 -3.29 -3.75
N ARG C 244 25.39 -2.12 -3.77
CA ARG C 244 25.74 -1.38 -2.57
C ARG C 244 24.49 -0.87 -1.82
N LYS C 245 23.35 -0.76 -2.51
CA LYS C 245 22.14 -0.15 -1.94
C LYS C 245 21.37 -1.18 -1.11
N VAL C 246 21.67 -2.48 -1.30
CA VAL C 246 20.86 -3.54 -0.72
C VAL C 246 21.22 -3.73 0.76
N PRO C 247 20.27 -3.53 1.71
CA PRO C 247 20.58 -3.70 3.14
C PRO C 247 21.15 -5.07 3.50
N LEU C 248 20.53 -6.14 3.00
CA LEU C 248 20.89 -7.50 3.39
C LEU C 248 22.03 -8.01 2.49
N GLY C 249 23.28 -7.67 2.83
CA GLY C 249 24.44 -8.35 2.26
C GLY C 249 25.04 -7.60 1.09
N ARG C 250 24.52 -6.40 0.78
CA ARG C 250 25.10 -5.54 -0.26
C ARG C 250 25.32 -6.31 -1.57
N ARG C 251 24.35 -7.16 -1.96
CA ARG C 251 24.47 -8.04 -3.12
C ARG C 251 23.09 -8.31 -3.69
N GLU C 252 23.06 -8.71 -4.98
CA GLU C 252 21.82 -9.15 -5.62
C GLU C 252 21.38 -10.54 -5.13
N ALA C 253 20.09 -10.82 -5.34
CA ALA C 253 19.55 -12.17 -5.17
C ALA C 253 20.12 -13.01 -6.30
N SER C 254 20.44 -14.24 -5.95
CA SER C 254 20.66 -15.25 -6.97
C SER C 254 19.30 -15.59 -7.59
N ALA C 255 19.32 -16.13 -8.81
CA ALA C 255 18.11 -16.69 -9.39
C ALA C 255 17.47 -17.71 -8.45
N GLU C 256 18.27 -18.50 -7.74
CA GLU C 256 17.73 -19.60 -6.95
CA GLU C 256 17.74 -19.60 -6.95
C GLU C 256 16.94 -19.08 -5.74
N GLN C 257 17.35 -17.93 -5.21
CA GLN C 257 16.63 -17.34 -4.09
C GLN C 257 15.23 -16.94 -4.55
N ILE C 258 15.14 -16.43 -5.77
CA ILE C 258 13.84 -16.10 -6.34
C ILE C 258 13.01 -17.37 -6.49
N ALA C 259 13.62 -18.45 -6.99
CA ALA C 259 12.90 -19.68 -7.24
C ALA C 259 12.38 -20.27 -5.93
N ASP C 260 13.18 -20.11 -4.86
CA ASP C 260 12.83 -20.63 -3.55
C ASP C 260 11.43 -20.16 -3.13
N ALA C 261 11.15 -18.87 -3.39
CA ALA C 261 9.85 -18.29 -3.06
C ALA C 261 8.75 -18.84 -3.97
N VAL C 262 9.09 -19.05 -5.24
CA VAL C 262 8.13 -19.68 -6.15
C VAL C 262 7.73 -21.06 -5.61
N ILE C 263 8.74 -21.86 -5.29
CA ILE C 263 8.55 -23.19 -4.72
C ILE C 263 7.64 -23.15 -3.49
N PHE C 264 7.88 -22.20 -2.57
CA PHE C 264 7.01 -22.10 -1.41
C PHE C 264 5.56 -21.93 -1.89
N LEU C 265 5.33 -20.96 -2.78
CA LEU C 265 3.95 -20.59 -3.10
C LEU C 265 3.18 -21.74 -3.75
N VAL C 266 3.89 -22.61 -4.49
CA VAL C 266 3.22 -23.73 -5.16
C VAL C 266 2.95 -24.92 -4.21
N SER C 267 3.65 -24.94 -3.08
CA SER C 267 3.71 -26.10 -2.20
C SER C 267 2.44 -26.23 -1.36
N GLY C 268 2.34 -27.37 -0.67
CA GLY C 268 1.24 -27.58 0.26
C GLY C 268 1.35 -26.65 1.47
N SER C 269 2.55 -26.07 1.67
CA SER C 269 2.77 -25.14 2.76
C SER C 269 2.14 -23.77 2.50
N ALA C 270 1.63 -23.54 1.28
CA ALA C 270 0.96 -22.28 0.97
C ALA C 270 -0.49 -22.48 0.51
N GLN C 271 -1.17 -23.53 1.01
CA GLN C 271 -2.47 -23.91 0.46
CA GLN C 271 -2.47 -23.92 0.49
C GLN C 271 -3.55 -22.88 0.80
N TYR C 272 -3.25 -21.96 1.73
CA TYR C 272 -4.24 -20.96 2.11
C TYR C 272 -3.86 -19.59 1.54
N ILE C 273 -2.70 -19.51 0.86
CA ILE C 273 -2.19 -18.24 0.32
C ILE C 273 -2.69 -18.02 -1.11
N THR C 274 -3.48 -16.93 -1.35
CA THR C 274 -3.78 -16.45 -2.69
C THR C 274 -3.92 -14.92 -2.63
N GLY C 275 -3.50 -14.27 -3.72
CA GLY C 275 -3.50 -12.82 -3.85
C GLY C 275 -2.34 -12.14 -3.11
N SER C 276 -1.33 -12.93 -2.74
CA SER C 276 -0.20 -12.40 -1.98
C SER C 276 0.98 -12.25 -2.91
N ILE C 277 1.74 -11.15 -2.72
CA ILE C 277 2.97 -10.91 -3.47
C ILE C 277 4.09 -10.85 -2.45
N ILE C 278 5.05 -11.78 -2.58
CA ILE C 278 6.15 -11.85 -1.64
C ILE C 278 7.33 -11.11 -2.25
N LYS C 279 7.81 -10.06 -1.56
CA LYS C 279 9.02 -9.39 -2.02
C LYS C 279 10.20 -10.27 -1.67
N VAL C 280 11.15 -10.36 -2.60
CA VAL C 280 12.42 -11.02 -2.34
C VAL C 280 13.53 -10.06 -2.79
N ASP C 281 13.85 -9.08 -1.94
CA ASP C 281 14.60 -7.91 -2.38
C ASP C 281 15.68 -7.50 -1.38
N GLY C 282 15.91 -8.31 -0.34
CA GLY C 282 16.91 -8.03 0.68
C GLY C 282 16.75 -6.65 1.36
N GLY C 283 15.50 -6.13 1.38
CA GLY C 283 15.21 -4.85 2.00
C GLY C 283 15.38 -3.64 1.08
N LEU C 284 15.71 -3.86 -0.21
CA LEU C 284 16.03 -2.76 -1.10
C LEU C 284 14.89 -1.72 -1.13
N SER C 285 13.64 -2.21 -1.22
CA SER C 285 12.51 -1.28 -1.31
C SER C 285 12.25 -0.43 -0.05
N LEU C 286 12.85 -0.77 1.09
CA LEU C 286 12.76 0.00 2.34
C LEU C 286 13.74 1.18 2.38
N VAL C 287 14.69 1.29 1.42
CA VAL C 287 15.75 2.29 1.54
C VAL C 287 15.32 3.62 0.90
N HIS C 288 15.38 4.73 1.66
CA HIS C 288 14.99 6.01 1.09
C HIS C 288 16.07 6.54 0.15
N ALA C 289 15.68 7.57 -0.61
CA ALA C 289 16.56 8.26 -1.54
C ALA C 289 17.79 8.82 -0.83
N GLU D 23 24.92 -27.70 17.98
CA GLU D 23 23.66 -27.63 18.77
C GLU D 23 22.50 -27.22 17.86
N ALA D 24 21.28 -27.56 18.26
CA ALA D 24 20.07 -27.16 17.58
C ALA D 24 19.83 -25.67 17.82
N PRO D 25 19.30 -24.89 16.84
CA PRO D 25 18.97 -23.48 17.07
C PRO D 25 17.81 -23.35 18.06
N ALA D 26 17.59 -22.14 18.62
CA ALA D 26 16.54 -21.94 19.61
C ALA D 26 15.62 -20.80 19.18
N ALA D 27 14.34 -20.89 19.56
CA ALA D 27 13.37 -19.87 19.19
C ALA D 27 12.53 -19.46 20.39
N VAL D 28 12.17 -18.15 20.44
CA VAL D 28 11.15 -17.70 21.40
C VAL D 28 9.88 -17.45 20.61
N VAL D 29 8.77 -17.99 21.12
CA VAL D 29 7.44 -17.72 20.58
C VAL D 29 6.63 -17.10 21.70
N THR D 30 6.12 -15.86 21.49
CA THR D 30 5.32 -15.25 22.54
C THR D 30 3.88 -15.71 22.40
N GLY D 31 3.16 -15.76 23.54
CA GLY D 31 1.77 -16.25 23.52
C GLY D 31 1.62 -17.65 22.91
N ALA D 32 2.52 -18.58 23.29
CA ALA D 32 2.63 -19.84 22.57
C ALA D 32 1.89 -21.01 23.26
N ALA D 33 1.08 -20.74 24.29
CA ALA D 33 0.44 -21.85 24.99
C ALA D 33 -0.74 -22.43 24.21
N LYS D 34 -1.36 -21.61 23.38
CA LYS D 34 -2.61 -22.01 22.76
C LYS D 34 -2.62 -21.54 21.30
N ARG D 35 -3.58 -22.06 20.52
CA ARG D 35 -3.99 -21.53 19.21
C ARG D 35 -2.80 -21.36 18.27
N ILE D 36 -2.65 -20.15 17.70
CA ILE D 36 -1.65 -20.01 16.63
C ILE D 36 -0.22 -20.11 17.19
N GLY D 37 0.03 -19.48 18.34
CA GLY D 37 1.37 -19.49 18.95
C GLY D 37 1.82 -20.92 19.25
N ARG D 38 0.89 -21.73 19.74
CA ARG D 38 1.20 -23.14 19.99
C ARG D 38 1.59 -23.85 18.70
N ALA D 39 0.79 -23.69 17.64
CA ALA D 39 1.07 -24.34 16.37
C ALA D 39 2.45 -23.93 15.83
N ILE D 40 2.83 -22.65 16.02
CA ILE D 40 4.14 -22.17 15.62
C ILE D 40 5.25 -22.88 16.44
N ALA D 41 5.06 -22.99 17.76
CA ALA D 41 6.05 -23.60 18.65
C ALA D 41 6.23 -25.07 18.25
N VAL D 42 5.11 -25.76 18.05
CA VAL D 42 5.09 -27.17 17.69
C VAL D 42 5.88 -27.38 16.39
N LYS D 43 5.51 -26.60 15.37
CA LYS D 43 6.09 -26.70 14.04
C LYS D 43 7.59 -26.35 14.05
N LEU D 44 8.01 -25.31 14.79
CA LEU D 44 9.42 -24.99 14.94
C LEU D 44 10.17 -26.19 15.56
N HIS D 45 9.56 -26.74 16.60
CA HIS D 45 10.13 -27.86 17.33
C HIS D 45 10.31 -29.05 16.38
N GLN D 46 9.28 -29.30 15.58
CA GLN D 46 9.33 -30.38 14.60
C GLN D 46 10.40 -30.15 13.54
N THR D 47 10.89 -28.91 13.40
CA THR D 47 11.88 -28.58 12.39
C THR D 47 13.29 -28.71 12.97
N GLY D 48 13.40 -28.83 14.30
CA GLY D 48 14.71 -29.01 14.92
C GLY D 48 15.02 -27.96 15.98
N TYR D 49 14.10 -27.01 16.23
CA TYR D 49 14.39 -25.92 17.15
C TYR D 49 14.12 -26.35 18.58
N ARG D 50 14.95 -25.81 19.50
CA ARG D 50 14.57 -25.73 20.91
C ARG D 50 13.68 -24.49 21.07
N VAL D 51 12.67 -24.55 21.96
CA VAL D 51 11.64 -23.51 22.04
C VAL D 51 11.46 -22.96 23.46
N VAL D 52 11.35 -21.61 23.56
CA VAL D 52 10.84 -20.94 24.73
C VAL D 52 9.38 -20.62 24.46
N ILE D 53 8.51 -21.21 25.29
CA ILE D 53 7.07 -21.01 25.23
C ILE D 53 6.69 -19.91 26.20
N HIS D 54 6.50 -18.69 25.67
CA HIS D 54 6.10 -17.57 26.52
C HIS D 54 4.59 -17.69 26.76
N TYR D 55 4.16 -17.33 27.97
CA TYR D 55 2.73 -17.33 28.25
C TYR D 55 2.44 -16.22 29.26
N HIS D 56 1.15 -15.88 29.39
CA HIS D 56 0.76 -14.87 30.35
C HIS D 56 -0.11 -15.56 31.39
N ASN D 57 -1.34 -15.89 31.01
CA ASN D 57 -2.28 -16.49 31.93
C ASN D 57 -2.37 -18.02 31.77
N SER D 58 -1.94 -18.57 30.63
CA SER D 58 -2.25 -19.97 30.39
C SER D 58 -1.14 -20.90 30.91
N ALA D 59 -0.95 -20.91 32.24
CA ALA D 59 0.13 -21.68 32.86
C ALA D 59 -0.02 -23.18 32.60
N GLU D 60 -1.23 -23.71 32.84
CA GLU D 60 -1.47 -25.14 32.65
C GLU D 60 -1.08 -25.56 31.24
N ALA D 61 -1.63 -24.88 30.22
CA ALA D 61 -1.40 -25.23 28.83
C ALA D 61 0.05 -24.98 28.40
N ALA D 62 0.66 -23.90 28.89
CA ALA D 62 2.09 -23.72 28.68
C ALA D 62 2.86 -24.97 29.09
N VAL D 63 2.72 -25.37 30.36
CA VAL D 63 3.55 -26.43 30.95
C VAL D 63 3.22 -27.76 30.26
N SER D 64 1.94 -27.96 29.96
CA SER D 64 1.49 -29.11 29.19
C SER D 64 2.19 -29.21 27.82
N LEU D 65 2.32 -28.07 27.10
CA LEU D 65 2.95 -28.13 25.79
C LEU D 65 4.44 -28.47 25.92
N ALA D 66 5.13 -27.87 26.90
CA ALA D 66 6.54 -28.12 27.11
C ALA D 66 6.76 -29.61 27.38
N ASP D 67 5.87 -30.20 28.19
CA ASP D 67 5.92 -31.60 28.57
C ASP D 67 5.88 -32.48 27.33
N GLU D 68 4.93 -32.19 26.44
CA GLU D 68 4.79 -32.90 25.17
C GLU D 68 6.05 -32.79 24.32
N LEU D 69 6.60 -31.58 24.19
CA LEU D 69 7.79 -31.40 23.36
C LEU D 69 9.01 -32.10 23.97
N ASN D 70 9.13 -32.00 25.31
CA ASN D 70 10.29 -32.56 25.99
C ASN D 70 10.23 -34.10 25.93
N LYS D 71 9.00 -34.64 25.94
CA LYS D 71 8.79 -36.08 25.82
C LYS D 71 9.33 -36.57 24.48
N GLU D 72 9.27 -35.72 23.45
CA GLU D 72 9.69 -36.06 22.11
C GLU D 72 11.20 -35.93 21.97
N ARG D 73 11.77 -34.87 22.55
CA ARG D 73 13.21 -34.69 22.62
C ARG D 73 13.49 -34.01 23.94
N SER D 74 14.23 -34.66 24.82
CA SER D 74 14.38 -34.11 26.15
C SER D 74 15.14 -32.78 26.12
N ASN D 75 14.78 -31.90 27.05
CA ASN D 75 15.48 -30.63 27.26
C ASN D 75 15.41 -29.75 26.00
N THR D 76 14.25 -29.67 25.37
CA THR D 76 14.17 -28.84 24.17
C THR D 76 13.09 -27.76 24.31
N ALA D 77 12.42 -27.69 25.46
CA ALA D 77 11.36 -26.72 25.73
C ALA D 77 11.40 -26.21 27.18
N VAL D 78 11.29 -24.87 27.31
CA VAL D 78 11.06 -24.23 28.60
C VAL D 78 9.83 -23.31 28.42
N VAL D 79 9.14 -23.03 29.53
CA VAL D 79 8.14 -21.97 29.55
C VAL D 79 8.77 -20.72 30.14
N CYS D 80 8.10 -19.56 29.93
CA CYS D 80 8.57 -18.31 30.52
C CYS D 80 7.34 -17.42 30.66
N GLN D 81 7.05 -16.93 31.89
CA GLN D 81 5.80 -16.22 32.12
C GLN D 81 6.10 -14.72 32.10
N ALA D 82 5.20 -13.95 31.45
CA ALA D 82 5.37 -12.51 31.39
C ALA D 82 4.09 -11.83 30.89
N ASP D 83 3.74 -10.72 31.57
CA ASP D 83 2.72 -9.80 31.11
C ASP D 83 3.34 -8.85 30.07
N LEU D 84 2.71 -8.75 28.89
CA LEU D 84 3.26 -7.92 27.81
C LEU D 84 2.51 -6.59 27.66
N THR D 85 1.62 -6.30 28.61
CA THR D 85 1.07 -4.96 28.80
C THR D 85 2.19 -3.92 28.89
N ASN D 86 1.96 -2.73 28.28
CA ASN D 86 2.92 -1.63 28.40
C ASN D 86 2.96 -1.10 29.84
N SER D 87 4.18 -0.84 30.35
CA SER D 87 4.42 -0.19 31.64
C SER D 87 5.90 0.16 31.70
N ASN D 88 6.34 0.80 32.78
CA ASN D 88 7.73 1.17 32.94
C ASN D 88 8.63 -0.05 33.13
N VAL D 89 8.05 -1.22 33.42
CA VAL D 89 8.83 -2.45 33.57
C VAL D 89 8.71 -3.40 32.37
N LEU D 90 7.99 -3.00 31.32
CA LEU D 90 7.95 -3.91 30.18
C LEU D 90 9.34 -4.16 29.57
N PRO D 91 10.25 -3.17 29.47
CA PRO D 91 11.57 -3.46 28.92
C PRO D 91 12.29 -4.59 29.67
N ALA D 92 12.20 -4.56 31.01
CA ALA D 92 12.80 -5.62 31.80
C ALA D 92 12.13 -6.97 31.54
N SER D 93 10.80 -7.01 31.44
CA SER D 93 10.18 -8.30 31.15
C SER D 93 10.61 -8.84 29.80
N CYS D 94 10.73 -7.95 28.80
CA CYS D 94 11.11 -8.41 27.46
C CYS D 94 12.56 -8.89 27.49
N GLU D 95 13.42 -8.17 28.21
CA GLU D 95 14.80 -8.60 28.32
C GLU D 95 14.84 -10.01 28.93
N GLU D 96 13.94 -10.24 29.90
CA GLU D 96 13.92 -11.48 30.65
C GLU D 96 13.49 -12.62 29.76
N ILE D 97 12.50 -12.40 28.86
CA ILE D 97 12.12 -13.42 27.90
C ILE D 97 13.29 -13.87 27.02
N ILE D 98 14.06 -12.92 26.49
CA ILE D 98 15.20 -13.26 25.66
C ILE D 98 16.24 -13.97 26.54
N ASN D 99 16.53 -13.40 27.72
CA ASN D 99 17.50 -13.96 28.65
C ASN D 99 17.15 -15.41 28.97
N SER D 100 15.86 -15.72 29.08
CA SER D 100 15.40 -17.07 29.34
C SER D 100 15.89 -18.04 28.28
N CYS D 101 15.87 -17.60 27.02
CA CYS D 101 16.26 -18.48 25.94
C CYS D 101 17.77 -18.75 26.06
N PHE D 102 18.53 -17.73 26.44
CA PHE D 102 19.97 -17.90 26.53
C PHE D 102 20.30 -18.79 27.73
N ARG D 103 19.54 -18.63 28.82
CA ARG D 103 19.77 -19.41 30.04
C ARG D 103 19.50 -20.89 29.78
N ALA D 104 18.36 -21.19 29.13
CA ALA D 104 18.02 -22.58 28.82
C ALA D 104 18.86 -23.17 27.69
N PHE D 105 19.26 -22.39 26.66
CA PHE D 105 19.73 -23.03 25.44
C PHE D 105 21.06 -22.50 24.93
N GLY D 106 21.58 -21.45 25.57
CA GLY D 106 22.85 -20.81 25.25
C GLY D 106 22.84 -20.04 23.92
N ARG D 107 21.64 -19.85 23.34
CA ARG D 107 21.55 -19.07 22.11
C ARG D 107 20.10 -18.66 21.88
N CYS D 108 19.87 -17.71 20.95
CA CYS D 108 18.52 -17.33 20.54
C CYS D 108 18.57 -16.92 19.06
N ASP D 109 18.04 -17.80 18.19
CA ASP D 109 18.18 -17.62 16.75
C ASP D 109 16.94 -16.95 16.13
N VAL D 110 15.76 -17.20 16.70
CA VAL D 110 14.47 -16.84 16.11
C VAL D 110 13.56 -16.26 17.18
N LEU D 111 12.94 -15.11 16.88
CA LEU D 111 11.93 -14.52 17.75
C LEU D 111 10.65 -14.45 16.94
N VAL D 112 9.57 -15.01 17.50
CA VAL D 112 8.24 -14.96 16.89
C VAL D 112 7.32 -14.11 17.77
N ASN D 113 6.93 -12.90 17.29
CA ASN D 113 6.08 -11.99 18.04
C ASN D 113 4.62 -12.32 17.73
N ASN D 114 4.00 -13.16 18.57
CA ASN D 114 2.69 -13.72 18.30
C ASN D 114 1.65 -13.24 19.34
N ALA D 115 2.05 -13.03 20.61
CA ALA D 115 1.13 -12.63 21.66
C ALA D 115 0.37 -11.38 21.22
N SER D 116 -0.92 -11.33 21.54
CA SER D 116 -1.75 -10.22 21.08
C SER D 116 -3.00 -10.09 21.96
N ALA D 117 -3.32 -8.86 22.36
CA ALA D 117 -4.60 -8.54 22.96
C ALA D 117 -5.54 -8.06 21.87
N PHE D 118 -6.84 -8.41 21.99
CA PHE D 118 -7.75 -8.10 20.91
C PHE D 118 -9.13 -7.91 21.51
N TYR D 119 -9.63 -6.68 21.48
CA TYR D 119 -11.00 -6.44 21.94
C TYR D 119 -11.38 -5.03 21.49
N PRO D 120 -12.69 -4.70 21.43
CA PRO D 120 -13.13 -3.40 20.94
C PRO D 120 -12.77 -2.30 21.92
N THR D 121 -12.48 -1.11 21.39
CA THR D 121 -12.23 0.10 22.14
C THR D 121 -12.95 1.23 21.42
N PRO D 122 -14.30 1.33 21.55
CA PRO D 122 -15.07 2.31 20.76
C PRO D 122 -14.63 3.73 21.07
N LEU D 123 -14.67 4.59 20.03
CA LEU D 123 -14.31 5.99 20.20
C LEU D 123 -15.44 6.70 20.92
N VAL D 124 -16.68 6.23 20.74
CA VAL D 124 -17.79 6.97 21.34
C VAL D 124 -18.47 6.13 22.45
N GLY D 134 -14.75 -3.30 31.27
CA GLY D 134 -14.78 -2.37 32.42
C GLY D 134 -13.40 -1.76 32.71
N LYS D 135 -12.49 -1.88 31.73
CA LYS D 135 -11.13 -1.36 31.82
C LYS D 135 -11.12 0.12 31.53
N THR D 136 -10.24 0.87 32.21
CA THR D 136 -9.99 2.27 31.91
C THR D 136 -9.39 2.38 30.52
N VAL D 137 -9.42 3.61 29.99
CA VAL D 137 -8.86 3.84 28.66
C VAL D 137 -7.34 3.67 28.74
N GLU D 138 -6.73 4.07 29.87
CA GLU D 138 -5.27 3.89 30.02
C GLU D 138 -4.86 2.40 29.97
N THR D 139 -5.65 1.51 30.57
CA THR D 139 -5.42 0.07 30.53
C THR D 139 -5.59 -0.48 29.10
N GLN D 140 -6.64 -0.05 28.38
CA GLN D 140 -6.88 -0.48 26.99
C GLN D 140 -5.67 -0.10 26.13
N VAL D 141 -5.17 1.12 26.32
CA VAL D 141 -4.01 1.55 25.55
C VAL D 141 -2.82 0.67 25.91
N ALA D 142 -2.62 0.42 27.22
CA ALA D 142 -1.41 -0.28 27.64
C ALA D 142 -1.38 -1.73 27.13
N GLU D 143 -2.54 -2.39 27.13
CA GLU D 143 -2.64 -3.77 26.72
C GLU D 143 -2.58 -3.92 25.21
N LEU D 144 -3.39 -3.13 24.49
CA LEU D 144 -3.51 -3.29 23.05
C LEU D 144 -2.24 -2.78 22.36
N ILE D 145 -1.71 -1.62 22.80
CA ILE D 145 -0.50 -1.12 22.14
C ILE D 145 0.73 -1.86 22.69
N GLY D 146 0.73 -2.19 23.99
CA GLY D 146 1.87 -2.92 24.55
C GLY D 146 2.03 -4.29 23.90
N THR D 147 0.94 -5.08 23.84
CA THR D 147 1.13 -6.44 23.36
C THR D 147 1.41 -6.46 21.87
N ASN D 148 0.72 -5.62 21.10
CA ASN D 148 0.78 -5.70 19.66
C ASN D 148 1.99 -4.96 19.09
N ALA D 149 2.55 -4.01 19.83
CA ALA D 149 3.56 -3.18 19.19
C ALA D 149 4.76 -2.92 20.10
N ILE D 150 4.51 -2.47 21.33
CA ILE D 150 5.63 -2.06 22.18
C ILE D 150 6.46 -3.28 22.59
N ALA D 151 5.78 -4.33 23.05
CA ALA D 151 6.50 -5.53 23.44
C ALA D 151 7.29 -6.11 22.27
N PRO D 152 6.70 -6.27 21.08
CA PRO D 152 7.52 -6.61 19.91
C PRO D 152 8.78 -5.78 19.76
N PHE D 153 8.68 -4.47 19.88
CA PHE D 153 9.84 -3.61 19.71
C PHE D 153 10.92 -3.90 20.76
N LEU D 154 10.49 -4.08 22.01
CA LEU D 154 11.44 -4.25 23.11
C LEU D 154 12.09 -5.62 23.02
N LEU D 155 11.29 -6.63 22.64
CA LEU D 155 11.83 -7.95 22.38
C LEU D 155 12.81 -7.94 21.22
N THR D 156 12.53 -7.15 20.17
CA THR D 156 13.43 -7.02 19.03
C THR D 156 14.76 -6.44 19.52
N MET D 157 14.67 -5.39 20.35
CA MET D 157 15.90 -4.71 20.84
C MET D 157 16.72 -5.71 21.65
N SER D 158 16.07 -6.39 22.57
CA SER D 158 16.77 -7.37 23.42
C SER D 158 17.35 -8.50 22.57
N PHE D 159 16.57 -8.98 21.60
CA PHE D 159 17.06 -10.03 20.71
C PHE D 159 18.34 -9.56 20.03
N ALA D 160 18.32 -8.33 19.50
CA ALA D 160 19.44 -7.88 18.69
C ALA D 160 20.66 -7.57 19.55
N GLN D 161 20.42 -7.02 20.77
CA GLN D 161 21.50 -6.67 21.67
CA GLN D 161 21.51 -6.66 21.67
C GLN D 161 22.27 -7.93 22.06
N ARG D 162 21.53 -9.01 22.34
CA ARG D 162 22.14 -10.27 22.79
C ARG D 162 22.84 -11.05 21.67
N GLN D 163 22.79 -10.55 20.43
CA GLN D 163 23.46 -11.24 19.34
C GLN D 163 24.91 -10.75 19.24
N SER D 173 24.42 -17.01 11.99
CA SER D 173 23.85 -18.24 11.38
C SER D 173 22.67 -17.87 10.47
N ASN D 174 21.44 -18.17 10.91
CA ASN D 174 20.25 -17.74 10.19
C ASN D 174 19.27 -17.15 11.20
N LEU D 175 19.58 -15.90 11.62
CA LEU D 175 18.85 -15.20 12.67
C LEU D 175 17.64 -14.51 12.04
N SER D 176 16.46 -14.64 12.67
CA SER D 176 15.36 -13.88 12.08
C SER D 176 14.21 -13.70 13.06
N ILE D 177 13.39 -12.69 12.77
CA ILE D 177 12.25 -12.36 13.61
C ILE D 177 11.04 -12.44 12.68
N VAL D 178 9.92 -12.98 13.18
CA VAL D 178 8.67 -13.00 12.45
C VAL D 178 7.60 -12.39 13.33
N ASN D 179 6.92 -11.33 12.81
CA ASN D 179 5.87 -10.63 13.54
C ASN D 179 4.52 -11.09 13.00
N LEU D 180 3.56 -11.37 13.90
CA LEU D 180 2.23 -11.79 13.47
C LEU D 180 1.40 -10.52 13.31
N CYS D 181 1.12 -10.22 12.03
CA CYS D 181 0.47 -8.97 11.66
C CYS D 181 -1.01 -9.26 11.42
N ASP D 182 -1.67 -8.50 10.55
CA ASP D 182 -3.11 -8.70 10.32
C ASP D 182 -3.43 -8.30 8.89
N ALA D 183 -3.94 -9.25 8.06
CA ALA D 183 -4.22 -8.93 6.66
C ALA D 183 -5.27 -7.83 6.48
N MET D 184 -6.12 -7.62 7.50
CA MET D 184 -7.28 -6.77 7.37
C MET D 184 -7.04 -5.36 7.95
N VAL D 185 -5.79 -4.96 8.10
CA VAL D 185 -5.54 -3.73 8.86
C VAL D 185 -5.98 -2.49 8.08
N ASP D 186 -6.15 -2.61 6.76
CA ASP D 186 -6.61 -1.46 6.01
C ASP D 186 -8.11 -1.53 5.71
N GLN D 187 -8.77 -2.59 6.19
CA GLN D 187 -10.21 -2.72 6.13
C GLN D 187 -10.67 -3.17 7.50
N PRO D 188 -10.47 -2.32 8.53
CA PRO D 188 -10.59 -2.79 9.91
C PRO D 188 -12.00 -3.07 10.42
N CYS D 189 -12.07 -3.92 11.46
CA CYS D 189 -13.28 -4.06 12.26
C CYS D 189 -13.66 -2.72 12.89
N MET D 190 -14.95 -2.46 12.85
CA MET D 190 -15.50 -1.24 13.45
C MET D 190 -15.25 -1.26 14.96
N ALA D 191 -14.82 -0.13 15.51
CA ALA D 191 -14.61 0.03 16.95
C ALA D 191 -13.36 -0.69 17.48
N PHE D 192 -12.43 -1.03 16.58
CA PHE D 192 -11.19 -1.68 16.97
C PHE D 192 -9.99 -0.74 16.74
N SER D 193 -10.13 0.57 17.01
CA SER D 193 -9.06 1.50 16.67
CA SER D 193 -9.07 1.54 16.72
C SER D 193 -7.73 1.17 17.36
N LEU D 194 -7.75 0.85 18.66
CA LEU D 194 -6.48 0.67 19.36
C LEU D 194 -5.78 -0.61 18.87
N TYR D 195 -6.53 -1.70 18.66
CA TYR D 195 -5.93 -2.90 18.09
C TYR D 195 -5.33 -2.60 16.71
N ASN D 196 -6.07 -1.91 15.84
CA ASN D 196 -5.62 -1.59 14.48
CA ASN D 196 -5.59 -1.63 14.49
C ASN D 196 -4.37 -0.71 14.53
N MET D 197 -4.36 0.26 15.45
CA MET D 197 -3.18 1.10 15.60
C MET D 197 -1.97 0.24 15.98
N GLY D 198 -2.18 -0.67 16.92
CA GLY D 198 -1.12 -1.59 17.30
C GLY D 198 -0.57 -2.39 16.12
N LYS D 199 -1.47 -2.99 15.32
CA LYS D 199 -0.98 -3.83 14.23
C LYS D 199 -0.32 -2.97 13.16
N HIS D 200 -0.82 -1.72 12.95
CA HIS D 200 -0.14 -0.85 11.98
C HIS D 200 1.27 -0.57 12.49
N ALA D 201 1.39 -0.32 13.80
CA ALA D 201 2.72 -0.02 14.37
C ALA D 201 3.65 -1.21 14.14
N LEU D 202 3.08 -2.41 14.23
CA LEU D 202 3.86 -3.66 14.04
C LEU D 202 4.37 -3.78 12.61
N VAL D 203 3.58 -3.27 11.64
CA VAL D 203 4.10 -3.20 10.27
C VAL D 203 5.31 -2.26 10.24
N GLY D 204 5.15 -1.06 10.81
CA GLY D 204 6.24 -0.09 10.92
C GLY D 204 7.50 -0.72 11.53
N LEU D 205 7.34 -1.41 12.67
CA LEU D 205 8.46 -2.11 13.29
C LEU D 205 9.10 -3.10 12.33
N THR D 206 8.26 -3.92 11.67
CA THR D 206 8.76 -4.93 10.72
C THR D 206 9.69 -4.26 9.69
N GLN D 207 9.25 -3.14 9.08
CA GLN D 207 10.09 -2.46 8.09
C GLN D 207 11.33 -1.84 8.71
N SER D 208 11.14 -1.09 9.82
CA SER D 208 12.24 -0.32 10.41
C SER D 208 13.32 -1.27 10.93
N ALA D 209 12.90 -2.32 11.63
CA ALA D 209 13.88 -3.31 12.12
C ALA D 209 14.54 -4.09 10.98
N ALA D 210 13.78 -4.42 9.93
CA ALA D 210 14.43 -5.05 8.77
C ALA D 210 15.56 -4.17 8.24
N LEU D 211 15.33 -2.85 8.08
CA LEU D 211 16.38 -1.97 7.56
C LEU D 211 17.58 -1.93 8.51
N GLU D 212 17.30 -1.79 9.79
CA GLU D 212 18.34 -1.46 10.76
C GLU D 212 19.15 -2.71 11.14
N LEU D 213 18.50 -3.88 11.13
CA LEU D 213 19.18 -5.10 11.56
C LEU D 213 19.80 -5.88 10.39
N ALA D 214 19.52 -5.48 9.15
CA ALA D 214 20.06 -6.22 8.01
C ALA D 214 21.58 -6.25 8.05
N PRO D 215 22.29 -5.18 8.49
CA PRO D 215 23.75 -5.27 8.64
C PRO D 215 24.27 -6.34 9.62
N TYR D 216 23.43 -6.78 10.56
CA TYR D 216 23.77 -7.80 11.54
C TYR D 216 23.35 -9.20 11.09
N GLY D 217 22.82 -9.32 9.88
CA GLY D 217 22.37 -10.59 9.32
C GLY D 217 21.06 -11.05 9.95
N ILE D 218 20.31 -10.12 10.56
CA ILE D 218 19.04 -10.50 11.18
C ILE D 218 17.94 -10.08 10.19
N ARG D 219 17.11 -11.03 9.74
CA ARG D 219 16.02 -10.70 8.82
C ARG D 219 14.77 -10.48 9.67
N VAL D 220 13.88 -9.57 9.23
CA VAL D 220 12.66 -9.33 9.98
C VAL D 220 11.50 -9.32 8.99
N ASN D 221 10.46 -10.15 9.22
CA ASN D 221 9.40 -10.36 8.24
C ASN D 221 8.09 -10.48 9.01
N GLY D 222 6.96 -10.48 8.29
CA GLY D 222 5.68 -10.66 8.95
C GLY D 222 4.85 -11.75 8.27
N VAL D 223 3.90 -12.32 9.03
CA VAL D 223 2.86 -13.17 8.50
C VAL D 223 1.55 -12.53 8.95
N ALA D 224 0.65 -12.32 7.99
CA ALA D 224 -0.57 -11.57 8.21
C ALA D 224 -1.77 -12.48 7.97
N PRO D 225 -2.35 -13.11 9.02
CA PRO D 225 -3.57 -13.92 8.85
C PRO D 225 -4.75 -13.05 8.48
N GLY D 226 -5.74 -13.65 7.80
CA GLY D 226 -7.03 -13.00 7.68
C GLY D 226 -7.96 -13.45 8.81
N VAL D 227 -8.79 -14.45 8.52
CA VAL D 227 -9.44 -15.18 9.58
C VAL D 227 -8.80 -16.57 9.66
N SER D 228 -8.30 -16.85 10.85
CA SER D 228 -7.77 -18.14 11.26
C SER D 228 -8.64 -18.53 12.46
N LEU D 229 -8.07 -19.24 13.43
CA LEU D 229 -8.86 -19.78 14.54
C LEU D 229 -9.66 -18.65 15.16
N LEU D 230 -10.99 -18.80 15.11
CA LEU D 230 -11.91 -17.74 15.49
C LEU D 230 -12.00 -17.67 17.02
N PRO D 231 -12.30 -16.49 17.61
CA PRO D 231 -12.31 -16.34 19.07
C PRO D 231 -13.15 -17.41 19.78
N VAL D 232 -12.82 -17.66 21.05
CA VAL D 232 -13.56 -18.63 21.87
C VAL D 232 -14.95 -18.07 22.17
N ALA D 233 -15.02 -16.75 22.41
CA ALA D 233 -16.21 -16.07 22.89
C ALA D 233 -17.11 -15.61 21.74
N MET D 234 -16.91 -16.18 20.55
CA MET D 234 -17.73 -15.79 19.41
C MET D 234 -18.74 -16.91 19.11
N GLY D 235 -19.98 -16.50 18.75
CA GLY D 235 -21.06 -17.39 18.40
C GLY D 235 -20.85 -18.05 17.03
N GLU D 236 -21.67 -19.07 16.74
CA GLU D 236 -21.55 -19.93 15.57
C GLU D 236 -21.99 -19.18 14.32
N GLU D 237 -23.05 -18.35 14.44
CA GLU D 237 -23.58 -17.61 13.31
C GLU D 237 -22.54 -16.57 12.84
N GLU D 238 -21.91 -15.88 13.79
CA GLU D 238 -20.88 -14.89 13.52
C GLU D 238 -19.64 -15.56 12.94
N LYS D 239 -19.27 -16.74 13.44
CA LYS D 239 -18.18 -17.51 12.87
C LYS D 239 -18.48 -17.80 11.40
N ASP D 240 -19.68 -18.28 11.11
CA ASP D 240 -20.03 -18.68 9.74
C ASP D 240 -20.16 -17.47 8.82
N LYS D 241 -20.47 -16.29 9.38
CA LYS D 241 -20.57 -15.09 8.55
C LYS D 241 -19.18 -14.83 7.93
N TRP D 242 -18.15 -15.02 8.76
CA TRP D 242 -16.77 -14.73 8.38
C TRP D 242 -16.23 -15.75 7.40
N ARG D 243 -16.50 -17.03 7.69
CA ARG D 243 -16.09 -18.10 6.81
C ARG D 243 -16.59 -17.84 5.39
N ARG D 244 -17.85 -17.47 5.25
CA ARG D 244 -18.50 -17.34 3.95
C ARG D 244 -17.87 -16.23 3.09
N LYS D 245 -17.08 -15.35 3.72
CA LYS D 245 -16.48 -14.21 3.02
C LYS D 245 -15.16 -14.61 2.37
N VAL D 246 -14.55 -15.73 2.81
CA VAL D 246 -13.23 -16.14 2.33
C VAL D 246 -13.35 -16.77 0.95
N PRO D 247 -12.85 -16.12 -0.13
CA PRO D 247 -12.90 -16.71 -1.47
C PRO D 247 -12.34 -18.14 -1.59
N LEU D 248 -11.22 -18.41 -0.91
CA LEU D 248 -10.53 -19.68 -1.09
C LEU D 248 -11.08 -20.70 -0.10
N GLY D 249 -12.17 -21.40 -0.48
CA GLY D 249 -12.66 -22.48 0.36
C GLY D 249 -13.74 -22.08 1.37
N ARG D 250 -14.08 -20.78 1.47
CA ARG D 250 -15.10 -20.34 2.42
C ARG D 250 -14.85 -20.92 3.81
N ARG D 251 -13.60 -20.80 4.28
CA ARG D 251 -13.32 -21.26 5.63
C ARG D 251 -12.09 -20.49 6.14
N GLU D 252 -11.91 -20.48 7.47
CA GLU D 252 -10.76 -19.90 8.17
C GLU D 252 -9.49 -20.74 7.93
N ALA D 253 -8.31 -20.12 8.05
CA ALA D 253 -7.04 -20.83 8.06
C ALA D 253 -6.93 -21.71 9.30
N SER D 254 -6.31 -22.90 9.15
CA SER D 254 -5.89 -23.64 10.33
C SER D 254 -4.73 -22.88 10.97
N ALA D 255 -4.51 -23.13 12.27
CA ALA D 255 -3.32 -22.63 12.96
C ALA D 255 -2.07 -23.12 12.23
N GLU D 256 -2.13 -24.38 11.77
CA GLU D 256 -0.97 -24.98 11.10
C GLU D 256 -0.65 -24.26 9.78
N GLN D 257 -1.68 -23.78 9.05
CA GLN D 257 -1.46 -23.07 7.80
C GLN D 257 -0.71 -21.73 8.07
N ILE D 258 -1.08 -21.06 9.15
CA ILE D 258 -0.34 -19.84 9.55
C ILE D 258 1.10 -20.20 9.92
N ALA D 259 1.27 -21.26 10.70
CA ALA D 259 2.60 -21.68 11.11
C ALA D 259 3.49 -22.01 9.91
N ASP D 260 2.92 -22.56 8.84
CA ASP D 260 3.69 -22.93 7.65
C ASP D 260 4.41 -21.71 7.07
N ALA D 261 3.74 -20.57 7.05
CA ALA D 261 4.38 -19.35 6.54
C ALA D 261 5.49 -18.87 7.49
N VAL D 262 5.31 -19.04 8.79
CA VAL D 262 6.33 -18.69 9.75
C VAL D 262 7.57 -19.54 9.51
N ILE D 263 7.34 -20.87 9.34
CA ILE D 263 8.41 -21.81 9.05
C ILE D 263 9.18 -21.40 7.79
N PHE D 264 8.46 -21.09 6.72
CA PHE D 264 9.11 -20.64 5.52
C PHE D 264 10.05 -19.45 5.78
N LEU D 265 9.53 -18.43 6.48
CA LEU D 265 10.28 -17.20 6.69
C LEU D 265 11.56 -17.42 7.49
N VAL D 266 11.56 -18.39 8.41
CA VAL D 266 12.76 -18.55 9.23
C VAL D 266 13.74 -19.48 8.53
N SER D 267 13.28 -20.18 7.49
CA SER D 267 14.03 -21.23 6.81
C SER D 267 15.18 -20.67 5.98
N GLY D 268 16.05 -21.59 5.52
CA GLY D 268 17.11 -21.24 4.59
C GLY D 268 16.60 -20.89 3.18
N SER D 269 15.32 -21.10 2.89
CA SER D 269 14.69 -20.77 1.62
C SER D 269 14.23 -19.30 1.57
N ALA D 270 14.39 -18.59 2.70
CA ALA D 270 13.99 -17.19 2.73
C ALA D 270 15.17 -16.29 3.06
N GLN D 271 16.40 -16.69 2.70
CA GLN D 271 17.58 -15.96 3.15
C GLN D 271 17.76 -14.58 2.53
N TYR D 272 17.02 -14.24 1.45
CA TYR D 272 17.15 -12.91 0.89
C TYR D 272 15.88 -12.09 1.19
N ILE D 273 14.96 -12.66 1.97
CA ILE D 273 13.70 -11.99 2.26
C ILE D 273 13.85 -11.27 3.60
N THR D 274 13.66 -9.95 3.57
CA THR D 274 13.55 -9.19 4.82
C THR D 274 12.64 -8.01 4.53
N GLY D 275 11.84 -7.64 5.52
CA GLY D 275 10.94 -6.51 5.40
C GLY D 275 9.68 -6.89 4.64
N SER D 276 9.38 -8.18 4.53
CA SER D 276 8.25 -8.63 3.73
C SER D 276 7.14 -9.08 4.66
N ILE D 277 5.89 -8.83 4.27
CA ILE D 277 4.78 -9.36 5.05
C ILE D 277 3.94 -10.25 4.14
N ILE D 278 3.82 -11.53 4.51
CA ILE D 278 3.12 -12.50 3.69
C ILE D 278 1.69 -12.64 4.21
N LYS D 279 0.69 -12.31 3.38
CA LYS D 279 -0.69 -12.49 3.77
C LYS D 279 -1.00 -13.98 3.63
N VAL D 280 -1.71 -14.52 4.62
CA VAL D 280 -2.17 -15.91 4.58
C VAL D 280 -3.67 -15.83 4.92
N ASP D 281 -4.45 -15.38 3.93
CA ASP D 281 -5.81 -14.90 4.20
C ASP D 281 -6.86 -15.49 3.26
N GLY D 282 -6.46 -16.40 2.37
CA GLY D 282 -7.40 -17.03 1.42
C GLY D 282 -8.13 -16.05 0.52
N GLY D 283 -7.53 -14.87 0.30
CA GLY D 283 -8.15 -13.87 -0.55
C GLY D 283 -9.06 -12.87 0.18
N LEU D 284 -9.23 -13.00 1.49
CA LEU D 284 -10.26 -12.22 2.18
C LEU D 284 -10.09 -10.70 1.99
N SER D 285 -8.83 -10.25 2.03
CA SER D 285 -8.54 -8.82 1.94
C SER D 285 -8.81 -8.24 0.55
N LEU D 286 -9.07 -9.12 -0.44
CA LEU D 286 -9.36 -8.75 -1.82
C LEU D 286 -10.85 -8.46 -2.02
N VAL D 287 -11.69 -8.78 -1.02
CA VAL D 287 -13.15 -8.80 -1.21
C VAL D 287 -13.74 -7.44 -0.83
N HIS D 288 -14.47 -6.78 -1.75
CA HIS D 288 -15.07 -5.49 -1.43
C HIS D 288 -16.29 -5.68 -0.56
N ALA D 289 -16.75 -4.56 0.05
CA ALA D 289 -17.90 -4.48 0.92
C ALA D 289 -19.15 -5.01 0.21
PA NDP E . -17.95 6.91 -17.93
O1A NDP E . -19.13 7.80 -18.00
O2A NDP E . -18.13 5.44 -17.71
O5B NDP E . -16.99 7.13 -19.21
C5B NDP E . -16.48 8.45 -19.50
C4B NDP E . -16.27 8.58 -21.00
O4B NDP E . -15.30 7.63 -21.47
C3B NDP E . -17.50 8.23 -21.87
O3B NDP E . -18.44 9.31 -21.87
C2B NDP E . -16.86 7.92 -23.23
O2B NDP E . -17.03 9.02 -24.13
C1B NDP E . -15.38 7.73 -22.88
N9A NDP E . -14.86 6.54 -23.52
C8A NDP E . -15.23 5.22 -23.36
N7A NDP E . -14.63 4.41 -24.19
C5A NDP E . -13.87 5.25 -25.00
C6A NDP E . -13.02 4.99 -26.11
N6A NDP E . -12.81 3.78 -26.62
N1A NDP E . -12.44 6.08 -26.68
C2A NDP E . -12.63 7.29 -26.16
N3A NDP E . -13.41 7.65 -25.13
C4A NDP E . -14.01 6.56 -24.61
O3 NDP E . -17.03 7.53 -16.76
PN NDP E . -17.54 8.18 -15.38
O1N NDP E . -18.51 7.24 -14.77
O2N NDP E . -17.88 9.62 -15.62
O5D NDP E . -16.17 8.10 -14.52
C5D NDP E . -15.15 9.11 -14.77
C4D NDP E . -13.80 8.47 -14.46
O4D NDP E . -13.83 8.08 -13.07
C3D NDP E . -13.39 7.22 -15.26
O3D NDP E . -11.98 7.20 -15.48
C2D NDP E . -13.78 6.09 -14.30
O2D NDP E . -13.16 4.84 -14.51
C1D NDP E . -13.49 6.74 -12.94
N1N NDP E . -14.32 6.15 -11.86
C2N NDP E . -15.68 6.33 -11.86
C3N NDP E . -16.47 5.79 -10.89
C7N NDP E . -17.94 6.03 -10.87
O7N NDP E . -18.58 5.53 -9.92
N7N NDP E . -18.54 6.77 -11.81
C4N NDP E . -15.84 4.89 -9.87
C5N NDP E . -14.39 4.66 -10.03
C6N NDP E . -13.70 5.30 -10.97
P2B NDP E . -18.26 9.06 -25.20
O1X NDP E . -18.00 10.42 -25.81
O2X NDP E . -18.21 7.89 -26.17
O3X NDP E . -19.49 9.05 -24.27
C ACT F . -24.23 15.15 -17.95
O ACT F . -23.78 15.88 -17.04
OXT ACT F . -24.16 13.91 -17.92
CH3 ACT F . -24.91 15.84 -19.16
C ACT G . -25.54 11.90 -7.16
O ACT G . -25.00 12.88 -7.65
OXT ACT G . -25.30 11.51 -5.98
CH3 ACT G . -26.68 11.20 -7.95
CAP A1H0U H . -20.30 -0.25 -10.23
OAO A1H0U H . -19.81 0.98 -9.66
CAC A1H0U H . -18.64 1.31 -10.30
CAQ A1H0U H . -18.68 1.96 -11.54
CAD A1H0U H . -17.54 2.26 -12.18
NAF A1H0U H . -17.30 2.91 -13.34
CAL A1H0U H . -18.30 3.23 -14.43
CAM A1H0U H . -19.14 2.03 -14.95
CAN A1H0U H . -19.33 4.23 -13.94
NAR A1H0U H . -17.54 3.75 -15.63
CAJ A1H0U H . -16.12 3.65 -15.75
NAK A1H0U H . -15.42 4.03 -16.81
NAI A1H0U H . -15.36 3.15 -14.70
CAG A1H0U H . -15.96 2.75 -13.56
NAH A1H0U H . -15.37 2.35 -12.44
CAE A1H0U H . -16.34 1.96 -11.59
CAA A1H0U H . -16.24 1.32 -10.42
CAB A1H0U H . -17.40 0.99 -9.72
PA NDP I . 8.06 19.78 15.02
O1A NDP I . 8.46 21.21 14.89
O2A NDP I . 9.13 18.73 15.07
O5B NDP I . 7.07 19.53 16.27
C5B NDP I . 5.82 20.28 16.34
C4B NDP I . 5.51 20.55 17.79
O4B NDP I . 5.31 19.28 18.45
C3B NDP I . 6.63 21.18 18.64
O3B NDP I . 6.76 22.59 18.48
C2B NDP I . 6.24 20.76 20.07
O2B NDP I . 5.60 21.83 20.78
C1B NDP I . 5.25 19.60 19.84
N9A NDP I . 5.60 18.48 20.69
C8A NDP I . 6.75 17.76 20.72
N7A NDP I . 6.83 16.94 21.73
C5A NDP I . 5.66 17.16 22.44
C6A NDP I . 5.14 16.61 23.64
N6A NDP I . 5.72 15.65 24.39
N1A NDP I . 3.94 17.08 24.06
C2A NDP I . 3.31 18.01 23.33
N3A NDP I . 3.70 18.63 22.20
C4A NDP I . 4.90 18.14 21.82
O3 NDP I . 7.01 19.48 13.82
PN NDP I . 6.97 20.05 12.31
O1N NDP I . 8.34 19.86 11.73
O2N NDP I . 6.36 21.41 12.33
O5D NDP I . 5.93 19.06 11.55
C5D NDP I . 4.51 19.06 11.82
C4D NDP I . 3.98 17.65 11.65
O4D NDP I . 4.39 17.16 10.34
C3D NDP I . 4.49 16.60 12.66
O3D NDP I . 3.43 15.72 13.02
C2D NDP I . 5.60 15.86 11.90
O2D NDP I . 5.86 14.50 12.31
C1D NDP I . 5.02 15.91 10.48
N1N NDP I . 6.13 15.82 9.48
C2N NDP I . 7.04 16.85 9.34
C3N NDP I . 8.08 16.78 8.44
C7N NDP I . 9.00 17.92 8.22
O7N NDP I . 9.85 17.80 7.33
N7N NDP I . 8.96 19.02 8.96
C4N NDP I . 8.25 15.50 7.67
C5N NDP I . 7.24 14.47 7.88
C6N NDP I . 6.25 14.66 8.74
P2B NDP I . 6.45 22.92 21.68
O1X NDP I . 7.39 23.66 20.76
O2X NDP I . 5.35 23.85 22.16
O3X NDP I . 7.13 22.13 22.76
C ACT J . -0.51 30.66 29.03
O ACT J . 0.68 30.97 29.11
OXT ACT J . -0.93 29.50 29.17
CH3 ACT J . -1.52 31.76 28.95
CAP A1H0U K . 15.18 14.45 8.11
OAO A1H0U K . 14.09 15.33 7.73
CAC A1H0U K . 12.92 14.94 8.33
CAQ A1H0U K . 12.39 15.63 9.45
CAD A1H0U K . 11.26 15.20 10.07
NAF A1H0U K . 10.50 15.72 11.07
CAL A1H0U K . 10.91 16.83 12.00
CAM A1H0U K . 12.35 16.80 12.55
CAN A1H0U K . 10.87 18.17 11.30
NAR A1H0U K . 9.91 16.88 13.10
CAJ A1H0U K . 8.87 15.93 13.30
NAK A1H0U K . 8.03 16.01 14.35
NAI A1H0U K . 8.65 14.92 12.38
CAG A1H0U K . 9.52 14.79 11.34
NAH A1H0U K . 9.49 13.93 10.32
CAE A1H0U K . 10.57 14.15 9.54
CAA A1H0U K . 11.05 13.45 8.50
CAB A1H0U K . 12.23 13.82 7.84
PA NDP L . 14.87 -11.52 -18.45
O1A NDP L . 16.15 -12.30 -18.52
O2A NDP L . 14.90 -10.05 -18.70
O5B NDP L . 13.76 -12.20 -19.40
C5B NDP L . 13.32 -13.56 -19.14
C4B NDP L . 12.93 -14.23 -20.44
O4B NDP L . 11.79 -13.55 -21.02
C3B NDP L . 13.95 -14.18 -21.59
O3B NDP L . 14.90 -15.20 -21.39
C2B NDP L . 13.07 -14.35 -22.83
O2B NDP L . 13.06 -15.68 -23.35
C1B NDP L . 11.65 -14.02 -22.33
N9A NDP L . 11.01 -13.02 -23.18
C8A NDP L . 11.39 -11.71 -23.35
N7A NDP L . 10.67 -11.08 -24.24
C5A NDP L . 9.81 -12.05 -24.73
C6A NDP L . 8.80 -12.02 -25.72
N6A NDP L . 8.48 -10.93 -26.42
N1A NDP L . 8.15 -13.19 -25.98
C2A NDP L . 8.44 -14.28 -25.25
N3A NDP L . 9.35 -14.41 -24.28
C4A NDP L . 10.02 -13.27 -24.09
O3 NDP L . 14.29 -11.77 -16.99
PN NDP L . 14.98 -12.06 -15.57
O1N NDP L . 16.03 -11.02 -15.31
O2N NDP L . 15.32 -13.51 -15.49
O5D NDP L . 13.70 -11.77 -14.65
C5D NDP L . 12.65 -12.75 -14.46
C4D NDP L . 11.42 -12.02 -13.98
O4D NDP L . 11.74 -11.28 -12.77
C3D NDP L . 10.85 -10.99 -14.96
O3D NDP L . 9.43 -11.04 -15.01
C2D NDP L . 11.33 -9.65 -14.39
O2D NDP L . 10.56 -8.50 -14.73
C1D NDP L . 11.33 -9.94 -12.90
N1N NDP L . 12.30 -9.07 -12.17
C2N NDP L . 13.65 -9.35 -12.18
C3N NDP L . 14.56 -8.52 -11.56
C7N NDP L . 16.02 -8.81 -11.63
O7N NDP L . 16.78 -8.08 -11.00
N7N NDP L . 16.50 -9.76 -12.43
C4N NDP L . 14.06 -7.32 -10.86
C5N NDP L . 12.60 -7.15 -10.84
C6N NDP L . 11.80 -7.99 -11.46
P2B NDP L . 13.98 -16.05 -24.65
O1X NDP L . 13.54 -17.47 -24.94
O2X NDP L . 13.88 -15.16 -25.87
O3X NDP L . 15.33 -15.93 -23.97
PA NDP M . -4.95 -15.04 20.62
O1A NDP M . -5.37 -16.43 20.95
O2A NDP M . -6.02 -14.01 20.56
O5B NDP M . -3.78 -14.55 21.61
C5B NDP M . -2.49 -15.17 21.63
C4B NDP M . -1.94 -15.12 23.04
O4B NDP M . -1.56 -13.76 23.37
C3B NDP M . -2.87 -15.52 24.20
O3B NDP M . -2.97 -16.94 24.28
C2B NDP M . -2.27 -14.78 25.41
O2B NDP M . -1.46 -15.52 26.34
C1B NDP M . -1.34 -13.73 24.76
N9A NDP M . -1.56 -12.41 25.35
C8A NDP M . -2.71 -11.68 25.38
N7A NDP M . -2.63 -10.62 26.13
C5A NDP M . -1.36 -10.70 26.70
C6A NDP M . -0.67 -9.88 27.63
N6A NDP M . -1.18 -8.78 28.17
N1A NDP M . 0.60 -10.25 27.97
C2A NDP M . 1.11 -11.36 27.42
N3A NDP M . 0.56 -12.20 26.55
C4A NDP M . -0.70 -11.82 26.25
O3 NDP M . -4.18 -15.07 19.23
PN NDP M . -4.36 -15.98 17.95
O1N NDP M . -5.81 -15.92 17.54
O2N NDP M . -3.75 -17.33 18.23
O5D NDP M . -3.50 -15.21 16.81
C5D NDP M . -2.05 -15.22 16.84
C4D NDP M . -1.56 -13.93 16.22
O4D NDP M . -2.11 -13.78 14.89
C3D NDP M . -1.93 -12.63 16.96
O3D NDP M . -0.84 -11.73 16.88
C2D NDP M . -3.15 -12.12 16.21
O2D NDP M . -3.28 -10.70 16.30
C1D NDP M . -2.82 -12.55 14.79
N1N NDP M . -4.05 -12.71 13.97
C2N NDP M . -4.98 -13.70 14.21
C3N NDP M . -6.09 -13.85 13.42
C7N NDP M . -7.01 -14.97 13.65
O7N NDP M . -7.96 -15.13 12.88
N7N NDP M . -6.78 -15.81 14.66
C4N NDP M . -6.38 -12.86 12.36
C5N NDP M . -5.38 -11.79 12.22
C6N NDP M . -4.31 -11.76 12.98
P2B NDP M . -2.12 -16.33 27.63
O1X NDP M . -3.23 -17.19 27.07
O2X NDP M . -0.95 -17.11 28.11
O3X NDP M . -2.62 -15.26 28.59
CAP A1H0U N . -13.06 -11.31 13.71
OAO A1H0U N . -12.02 -12.26 13.43
CAC A1H0U N . -10.78 -11.79 13.74
CAQ A1H0U N . -10.10 -12.25 14.87
CAD A1H0U N . -8.87 -11.78 15.19
NAF A1H0U N . -8.00 -12.08 16.18
CAL A1H0U N . -8.25 -12.84 17.48
CAM A1H0U N . -9.47 -12.39 18.30
CAN A1H0U N . -8.54 -14.30 17.19
NAR A1H0U N . -7.09 -12.69 18.40
CAJ A1H0U N . -6.03 -11.75 18.19
NAK A1H0U N . -5.09 -11.52 19.09
NAI A1H0U N . -5.97 -11.02 17.01
CAG A1H0U N . -6.98 -11.13 16.07
NAH A1H0U N . -7.07 -10.57 14.87
CAE A1H0U N . -8.26 -10.91 14.32
CAA A1H0U N . -8.87 -10.42 13.25
CAB A1H0U N . -10.15 -10.86 12.90
#